data_6H7G
#
_entry.id   6H7G
#
_cell.length_a   77.679
_cell.length_b   83.549
_cell.length_c   133.146
_cell.angle_alpha   90.00
_cell.angle_beta   90.00
_cell.angle_gamma   90.00
#
_symmetry.space_group_name_H-M   'P 21 21 21'
#
loop_
_entity.id
_entity.type
_entity.pdbx_description
1 polymer 'Phosphoribulokinase, chloroplastic'
2 non-polymer 'SULFATE ION'
3 water water
#
_entity_poly.entity_id   1
_entity_poly.type   'polypeptide(L)'
_entity_poly.pdbx_seq_one_letter_code
;HMDKDKTVVIGLAADSGCGKSTFMRRMTSIFGGVPKPPAGGNPDSNTLISDMTTVICLDDYHCLDRNGRKVKGVTALAPE
AQNFDLMYNQVKALKEGKSVDKPIYNHVSGLIDAPEKIESPPILVIEGLHPFYDKRVAELLDFKIYLDISDDIKFAWKIQ
RDMAERGHSLESIKSSIAARKPDFDAYIDPQKKDADMIIQVLPTQLVPDDKGQYLRVRLIMKEGSKMFDPVYLFDEGSTI
SWIPCGRKLTCSFPGIKMFYGPDTWYGQEVSVLEMDGQFDKLEELIYVESHLSNTSAKFYGEITQQMLKNSGFPGSNNGT
GLFQTIVGLKVREVYERIVKKDVVPV
;
_entity_poly.pdbx_strand_id   A,B
#
# COMPACT_ATOMS: atom_id res chain seq x y z
N HIS A 1 -51.52 10.52 -11.19
CA HIS A 1 -50.23 9.83 -11.38
C HIS A 1 -50.42 8.34 -11.58
N MET A 2 -49.55 7.72 -12.35
CA MET A 2 -49.58 6.27 -12.59
C MET A 2 -48.14 5.75 -12.64
N ASP A 3 -47.99 4.50 -13.10
CA ASP A 3 -47.05 3.53 -12.55
C ASP A 3 -46.38 2.73 -13.69
N LYS A 4 -45.46 1.78 -13.39
CA LYS A 4 -45.03 1.21 -12.08
C LYS A 4 -43.60 0.61 -12.04
N ASP A 5 -42.86 1.01 -11.00
CA ASP A 5 -41.61 0.39 -10.56
C ASP A 5 -41.71 -1.13 -10.48
N LYS A 6 -40.74 -1.83 -11.07
CA LYS A 6 -40.74 -3.28 -11.04
C LYS A 6 -39.48 -3.82 -10.37
N THR A 7 -39.59 -5.08 -9.93
CA THR A 7 -38.85 -5.60 -8.78
C THR A 7 -37.39 -5.87 -9.06
N VAL A 8 -36.57 -5.68 -8.03
CA VAL A 8 -35.14 -5.98 -8.04
C VAL A 8 -34.90 -7.17 -7.11
N VAL A 9 -34.21 -8.20 -7.61
CA VAL A 9 -34.05 -9.46 -6.89
C VAL A 9 -32.58 -9.61 -6.49
N ILE A 10 -32.35 -9.71 -5.19
CA ILE A 10 -31.03 -9.96 -4.62
C ILE A 10 -31.03 -11.35 -4.01
N GLY A 11 -29.95 -12.10 -4.24
CA GLY A 11 -29.79 -13.43 -3.68
C GLY A 11 -28.59 -13.48 -2.76
N LEU A 12 -28.75 -14.17 -1.62
CA LEU A 12 -27.67 -14.32 -0.66
C LEU A 12 -27.52 -15.79 -0.30
N ALA A 13 -26.35 -16.34 -0.59
CA ALA A 13 -25.99 -17.70 -0.21
C ALA A 13 -25.19 -17.66 1.09
N ALA A 14 -25.67 -18.39 2.10
CA ALA A 14 -25.00 -18.40 3.38
C ALA A 14 -25.37 -19.66 4.14
N ASP A 15 -24.38 -20.26 4.79
CA ASP A 15 -24.64 -21.28 5.78
C ASP A 15 -25.32 -20.67 7.00
N SER A 16 -26.03 -21.50 7.75
CA SER A 16 -26.57 -21.02 9.01
C SER A 16 -25.48 -21.04 10.08
N GLY A 17 -25.70 -20.24 11.13
CA GLY A 17 -24.69 -20.11 12.17
C GLY A 17 -23.47 -19.34 11.76
N CYS A 18 -23.58 -18.43 10.79
CA CYS A 18 -22.45 -17.65 10.30
C CYS A 18 -22.76 -16.16 10.21
N GLY A 19 -23.87 -15.72 10.81
CA GLY A 19 -24.20 -14.32 10.77
C GLY A 19 -24.93 -13.88 9.53
N LYS A 20 -25.66 -14.80 8.89
CA LYS A 20 -26.55 -14.41 7.80
C LYS A 20 -27.52 -13.34 8.25
N SER A 21 -28.01 -13.45 9.49
CA SER A 21 -28.95 -12.48 10.04
C SER A 21 -28.31 -11.10 10.14
N THR A 22 -27.15 -11.01 10.80
CA THR A 22 -26.43 -9.74 10.88
C THR A 22 -26.21 -9.15 9.49
N PHE A 23 -25.74 -9.98 8.56
CA PHE A 23 -25.60 -9.53 7.17
C PHE A 23 -26.92 -8.98 6.64
N MET A 24 -28.02 -9.69 6.91
CA MET A 24 -29.32 -9.25 6.42
C MET A 24 -29.75 -7.95 7.09
N ARG A 25 -29.54 -7.84 8.41
CA ARG A 25 -29.95 -6.62 9.09
C ARG A 25 -29.13 -5.42 8.63
N ARG A 26 -27.83 -5.62 8.41
CA ARG A 26 -27.00 -4.54 7.86
C ARG A 26 -27.46 -4.15 6.46
N MET A 27 -27.93 -5.11 5.67
CA MET A 27 -28.34 -4.81 4.30
C MET A 27 -29.72 -4.17 4.24
N THR A 28 -30.64 -4.57 5.11
CA THR A 28 -31.95 -3.94 5.13
C THR A 28 -31.93 -2.58 5.82
N SER A 29 -30.98 -2.37 6.73
CA SER A 29 -30.89 -1.10 7.43
C SER A 29 -30.50 0.04 6.51
N ILE A 30 -29.84 -0.25 5.39
CA ILE A 30 -29.54 0.80 4.42
C ILE A 30 -30.81 1.44 3.91
N PHE A 31 -31.84 0.62 3.66
CA PHE A 31 -33.10 1.13 3.15
C PHE A 31 -34.01 1.67 4.25
N GLY A 32 -33.73 1.34 5.51
CA GLY A 32 -34.50 1.89 6.61
C GLY A 32 -35.64 0.98 7.02
N GLY A 33 -35.91 0.96 8.33
CA GLY A 33 -36.99 0.16 8.86
C GLY A 33 -36.63 -1.30 9.00
N VAL A 34 -36.76 -1.83 10.22
CA VAL A 34 -36.46 -3.24 10.49
C VAL A 34 -37.56 -4.09 9.87
N PRO A 35 -37.24 -5.01 8.96
CA PRO A 35 -38.25 -5.96 8.49
C PRO A 35 -38.79 -6.79 9.65
N LYS A 36 -40.00 -7.30 9.47
CA LYS A 36 -40.69 -8.03 10.51
C LYS A 36 -41.43 -9.21 9.91
N PRO A 37 -41.69 -10.25 10.70
CA PRO A 37 -42.56 -11.34 10.24
C PRO A 37 -43.90 -10.80 9.77
N PRO A 38 -44.61 -11.52 8.90
CA PRO A 38 -45.93 -11.05 8.48
C PRO A 38 -46.90 -11.12 9.64
N ALA A 39 -47.39 -9.96 10.07
CA ALA A 39 -48.33 -9.92 11.18
C ALA A 39 -49.56 -10.75 10.88
N GLY A 40 -49.93 -11.63 11.80
CA GLY A 40 -51.13 -12.41 11.66
C GLY A 40 -50.94 -13.87 11.32
N GLY A 41 -50.07 -14.17 10.37
CA GLY A 41 -49.99 -15.50 9.77
C GLY A 41 -49.41 -16.61 10.62
N ASN A 42 -48.86 -17.62 9.93
CA ASN A 42 -48.22 -18.75 10.56
C ASN A 42 -47.23 -18.26 11.63
N PRO A 43 -47.25 -18.82 12.84
CA PRO A 43 -46.30 -18.37 13.86
C PRO A 43 -44.85 -18.69 13.53
N ASP A 44 -44.62 -19.69 12.68
CA ASP A 44 -43.27 -20.11 12.31
C ASP A 44 -42.84 -19.63 10.93
N SER A 45 -43.62 -18.74 10.32
CA SER A 45 -43.32 -18.24 8.98
C SER A 45 -41.90 -17.69 8.92
N ASN A 46 -41.23 -17.92 7.79
CA ASN A 46 -39.83 -17.58 7.63
C ASN A 46 -39.60 -16.26 6.90
N THR A 47 -40.67 -15.54 6.56
CA THR A 47 -40.54 -14.30 5.81
C THR A 47 -40.28 -13.13 6.75
N LEU A 48 -39.72 -12.06 6.18
CA LEU A 48 -39.57 -10.77 6.85
C LEU A 48 -39.86 -9.69 5.84
N ILE A 49 -40.86 -8.85 6.09
CA ILE A 49 -41.27 -7.83 5.14
C ILE A 49 -41.02 -6.45 5.73
N SER A 50 -40.57 -5.54 4.86
CA SER A 50 -40.38 -4.13 5.15
C SER A 50 -41.00 -3.37 3.97
N ASP A 51 -41.26 -2.08 4.15
CA ASP A 51 -41.78 -1.28 3.05
C ASP A 51 -40.91 -1.43 1.80
N MET A 52 -39.60 -1.58 1.99
CA MET A 52 -38.63 -1.64 0.91
C MET A 52 -38.17 -3.04 0.58
N THR A 53 -38.11 -3.95 1.56
CA THR A 53 -37.50 -5.27 1.38
C THR A 53 -38.45 -6.37 1.79
N THR A 54 -38.42 -7.47 1.03
CA THR A 54 -39.07 -8.72 1.42
C THR A 54 -38.03 -9.82 1.35
N VAL A 55 -37.86 -10.54 2.46
CA VAL A 55 -36.81 -11.55 2.61
C VAL A 55 -37.46 -12.92 2.71
N ILE A 56 -37.18 -13.78 1.75
CA ILE A 56 -37.70 -15.15 1.72
C ILE A 56 -36.56 -16.10 2.05
N CYS A 57 -36.75 -16.93 3.06
CA CYS A 57 -35.79 -17.97 3.42
C CYS A 57 -36.08 -19.20 2.57
N LEU A 58 -35.10 -19.61 1.75
CA LEU A 58 -35.33 -20.62 0.73
C LEU A 58 -35.59 -22.01 1.30
N ASP A 59 -35.48 -22.20 2.62
CA ASP A 59 -35.95 -23.46 3.21
C ASP A 59 -37.43 -23.69 2.92
N ASP A 60 -38.19 -22.64 2.66
CA ASP A 60 -39.59 -22.74 2.29
C ASP A 60 -39.80 -23.40 0.93
N TYR A 61 -38.73 -23.78 0.24
CA TYR A 61 -38.82 -24.56 -0.99
C TYR A 61 -38.22 -25.96 -0.83
N HIS A 62 -38.10 -26.44 0.41
CA HIS A 62 -37.69 -27.80 0.67
C HIS A 62 -38.71 -28.77 0.09
N CYS A 63 -38.34 -29.52 -0.94
CA CYS A 63 -39.29 -30.43 -1.56
C CYS A 63 -39.49 -31.71 -0.77
N LEU A 64 -38.76 -31.91 0.33
CA LEU A 64 -39.04 -32.96 1.30
C LEU A 64 -38.78 -32.44 2.70
N ASP A 65 -39.71 -32.71 3.62
CA ASP A 65 -39.61 -32.23 5.00
C ASP A 65 -38.59 -33.03 5.80
N ARG A 66 -38.72 -33.05 7.13
CA ARG A 66 -37.65 -33.57 7.97
C ARG A 66 -37.59 -35.09 7.96
N ASN A 67 -38.74 -35.77 7.94
CA ASN A 67 -38.70 -37.23 7.91
C ASN A 67 -38.48 -37.74 6.49
N GLY A 68 -38.95 -37.01 5.48
CA GLY A 68 -38.22 -36.97 4.23
C GLY A 68 -36.79 -36.57 4.50
N ARG A 69 -35.90 -36.90 3.56
CA ARG A 69 -34.45 -36.79 3.76
C ARG A 69 -33.96 -37.88 4.72
N LYS A 70 -34.62 -38.04 5.86
CA LYS A 70 -34.37 -39.22 6.69
C LYS A 70 -34.62 -40.49 5.89
N VAL A 71 -35.83 -40.61 5.35
CA VAL A 71 -36.20 -41.79 4.57
C VAL A 71 -35.34 -41.93 3.33
N LYS A 72 -34.91 -40.80 2.75
CA LYS A 72 -34.21 -40.79 1.48
C LYS A 72 -32.70 -40.81 1.62
N GLY A 73 -32.18 -40.70 2.85
CA GLY A 73 -30.75 -40.77 3.06
C GLY A 73 -29.97 -39.56 2.58
N VAL A 74 -30.55 -38.36 2.70
CA VAL A 74 -29.88 -37.12 2.33
C VAL A 74 -30.12 -36.08 3.41
N THR A 75 -29.44 -34.95 3.28
CA THR A 75 -29.58 -33.83 4.20
C THR A 75 -30.32 -32.68 3.53
N ALA A 76 -30.59 -31.65 4.33
CA ALA A 76 -31.17 -30.42 3.80
C ALA A 76 -30.28 -29.77 2.75
N LEU A 77 -28.98 -30.09 2.74
CA LEU A 77 -28.05 -29.48 1.80
C LEU A 77 -28.14 -30.08 0.40
N ALA A 78 -28.69 -31.29 0.28
CA ALA A 78 -28.70 -31.97 -1.01
C ALA A 78 -29.62 -31.23 -2.00
N PRO A 79 -29.28 -31.26 -3.29
CA PRO A 79 -30.20 -30.75 -4.31
C PRO A 79 -31.47 -31.58 -4.43
N GLU A 80 -31.45 -32.82 -3.95
CA GLU A 80 -32.62 -33.69 -4.02
C GLU A 80 -33.77 -33.20 -3.12
N ALA A 81 -33.44 -32.45 -2.07
CA ALA A 81 -34.44 -32.02 -1.08
C ALA A 81 -35.03 -30.65 -1.39
N GLN A 82 -34.70 -30.05 -2.53
CA GLN A 82 -35.24 -28.75 -2.91
C GLN A 82 -36.12 -28.89 -4.14
N ASN A 83 -37.10 -28.00 -4.26
CA ASN A 83 -38.01 -27.93 -5.41
C ASN A 83 -37.62 -26.70 -6.22
N PHE A 84 -36.62 -26.86 -7.08
CA PHE A 84 -36.14 -25.74 -7.89
C PHE A 84 -37.16 -25.31 -8.95
N ASP A 85 -38.13 -26.17 -9.28
CA ASP A 85 -39.17 -25.77 -10.23
C ASP A 85 -40.10 -24.74 -9.60
N LEU A 86 -40.56 -25.00 -8.37
CA LEU A 86 -41.32 -24.00 -7.64
C LEU A 86 -40.49 -22.74 -7.43
N MET A 87 -39.25 -22.90 -6.96
CA MET A 87 -38.36 -21.77 -6.73
C MET A 87 -38.29 -20.87 -7.97
N TYR A 88 -38.03 -21.47 -9.14
CA TYR A 88 -38.00 -20.69 -10.37
C TYR A 88 -39.33 -19.95 -10.58
N ASN A 89 -40.45 -20.67 -10.46
CA ASN A 89 -41.73 -20.12 -10.86
C ASN A 89 -42.14 -18.95 -9.95
N GLN A 90 -42.10 -19.15 -8.64
CA GLN A 90 -42.51 -18.09 -7.72
C GLN A 90 -41.53 -16.91 -7.77
N VAL A 91 -40.23 -17.20 -7.86
CA VAL A 91 -39.27 -16.11 -8.03
C VAL A 91 -39.49 -15.41 -9.37
N LYS A 92 -39.70 -16.17 -10.45
CA LYS A 92 -40.13 -15.54 -11.69
C LYS A 92 -41.45 -14.78 -11.48
N ALA A 93 -42.32 -15.32 -10.63
CA ALA A 93 -43.65 -14.74 -10.44
C ALA A 93 -43.68 -13.59 -9.43
N LEU A 94 -42.56 -13.27 -8.80
CA LEU A 94 -42.51 -12.06 -7.99
C LEU A 94 -41.74 -10.93 -8.64
N LYS A 95 -40.89 -11.23 -9.63
CA LYS A 95 -40.11 -10.21 -10.31
C LYS A 95 -40.94 -9.44 -11.32
N GLU A 96 -41.67 -10.15 -12.19
CA GLU A 96 -42.51 -9.51 -13.19
C GLU A 96 -43.72 -8.80 -12.58
N GLY A 97 -44.08 -9.11 -11.33
CA GLY A 97 -45.11 -8.34 -10.65
C GLY A 97 -46.24 -9.07 -9.95
N LYS A 98 -46.38 -10.38 -10.13
CA LYS A 98 -47.49 -11.10 -9.50
C LYS A 98 -47.22 -11.33 -8.02
N SER A 99 -48.19 -11.98 -7.37
CA SER A 99 -48.07 -12.50 -6.02
C SER A 99 -48.05 -14.02 -6.06
N VAL A 100 -47.59 -14.63 -4.98
CA VAL A 100 -47.43 -16.08 -4.92
C VAL A 100 -47.91 -16.60 -3.56
N ASP A 101 -48.35 -17.86 -3.56
CA ASP A 101 -48.64 -18.61 -2.35
C ASP A 101 -47.44 -19.51 -2.07
N LYS A 102 -46.60 -19.09 -1.13
CA LYS A 102 -45.36 -19.80 -0.95
C LYS A 102 -45.40 -20.64 0.31
N PRO A 103 -44.97 -21.91 0.24
CA PRO A 103 -45.05 -22.79 1.40
C PRO A 103 -44.24 -22.25 2.57
N ILE A 104 -44.44 -22.86 3.73
CA ILE A 104 -43.75 -22.48 4.95
C ILE A 104 -43.09 -23.74 5.49
N TYR A 105 -41.77 -23.85 5.33
CA TYR A 105 -41.03 -24.88 6.05
C TYR A 105 -40.98 -24.47 7.50
N ASN A 106 -41.92 -25.01 8.29
CA ASN A 106 -41.87 -24.85 9.73
C ASN A 106 -40.55 -25.38 10.25
N HIS A 107 -39.77 -24.52 10.91
CA HIS A 107 -38.45 -24.92 11.35
C HIS A 107 -38.46 -25.66 12.68
N VAL A 108 -39.48 -25.46 13.51
CA VAL A 108 -39.55 -26.23 14.75
C VAL A 108 -40.25 -27.57 14.50
N SER A 109 -41.25 -27.60 13.63
CA SER A 109 -42.02 -28.83 13.44
C SER A 109 -41.33 -29.79 12.48
N GLY A 110 -40.48 -29.29 11.59
CA GLY A 110 -39.86 -30.12 10.58
C GLY A 110 -40.72 -30.43 9.39
N LEU A 111 -41.88 -29.78 9.25
CA LEU A 111 -42.83 -30.08 8.20
C LEU A 111 -43.11 -28.85 7.36
N ILE A 112 -43.45 -29.08 6.10
CA ILE A 112 -43.84 -27.99 5.21
C ILE A 112 -45.32 -27.69 5.44
N ASP A 113 -45.63 -26.40 5.62
CA ASP A 113 -46.95 -25.98 6.10
C ASP A 113 -47.70 -25.24 5.00
N ALA A 114 -48.92 -24.81 5.34
CA ALA A 114 -49.80 -24.19 4.37
C ALA A 114 -49.21 -22.87 3.88
N PRO A 115 -49.32 -22.57 2.58
CA PRO A 115 -48.62 -21.41 2.03
C PRO A 115 -49.13 -20.10 2.62
N GLU A 116 -48.30 -19.08 2.51
CA GLU A 116 -48.66 -17.71 2.83
C GLU A 116 -48.46 -16.86 1.60
N LYS A 117 -49.41 -15.96 1.33
CA LYS A 117 -49.35 -15.17 0.11
C LYS A 117 -48.28 -14.11 0.23
N ILE A 118 -47.48 -13.99 -0.82
CA ILE A 118 -46.36 -13.05 -0.88
C ILE A 118 -46.55 -12.16 -2.10
N GLU A 119 -46.48 -10.85 -1.90
CA GLU A 119 -46.70 -9.90 -2.98
C GLU A 119 -45.37 -9.34 -3.49
N SER A 120 -45.42 -8.83 -4.72
CA SER A 120 -44.23 -8.31 -5.40
C SER A 120 -43.72 -7.08 -4.67
N PRO A 121 -42.54 -7.16 -4.05
CA PRO A 121 -42.03 -6.03 -3.28
C PRO A 121 -41.24 -5.09 -4.18
N PRO A 122 -40.74 -3.97 -3.65
CA PRO A 122 -39.77 -3.19 -4.44
C PRO A 122 -38.46 -3.94 -4.61
N ILE A 123 -37.99 -4.57 -3.55
CA ILE A 123 -36.74 -5.33 -3.55
C ILE A 123 -37.04 -6.72 -3.00
N LEU A 124 -36.76 -7.74 -3.79
CA LEU A 124 -36.87 -9.12 -3.32
C LEU A 124 -35.50 -9.64 -2.95
N VAL A 125 -35.42 -10.30 -1.80
CA VAL A 125 -34.19 -10.94 -1.34
C VAL A 125 -34.51 -12.40 -1.05
N ILE A 126 -33.86 -13.30 -1.79
CA ILE A 126 -33.95 -14.74 -1.53
C ILE A 126 -32.64 -15.19 -0.90
N GLU A 127 -32.75 -15.96 0.18
CA GLU A 127 -31.62 -16.16 1.07
C GLU A 127 -31.62 -17.57 1.62
N GLY A 128 -30.46 -18.20 1.64
CA GLY A 128 -30.34 -19.55 2.13
C GLY A 128 -29.24 -20.28 1.40
N LEU A 129 -29.41 -21.60 1.28
CA LEU A 129 -28.31 -22.48 0.89
C LEU A 129 -28.19 -22.64 -0.62
N HIS A 130 -29.30 -22.52 -1.36
CA HIS A 130 -29.31 -22.81 -2.80
C HIS A 130 -29.85 -21.66 -3.65
N PRO A 131 -29.46 -20.40 -3.40
CA PRO A 131 -29.96 -19.33 -4.27
C PRO A 131 -29.38 -19.36 -5.67
N PHE A 132 -28.17 -19.88 -5.85
CA PHE A 132 -27.55 -19.91 -7.17
C PHE A 132 -27.35 -21.32 -7.71
N TYR A 133 -27.90 -22.35 -7.06
CA TYR A 133 -27.66 -23.71 -7.52
C TYR A 133 -28.27 -23.94 -8.90
N ASP A 134 -29.55 -23.58 -9.07
CA ASP A 134 -30.23 -23.79 -10.33
C ASP A 134 -30.00 -22.60 -11.25
N LYS A 135 -29.71 -22.90 -12.52
CA LYS A 135 -29.26 -21.87 -13.44
C LYS A 135 -30.36 -20.90 -13.84
N ARG A 136 -31.61 -21.36 -13.91
CA ARG A 136 -32.71 -20.47 -14.27
C ARG A 136 -32.93 -19.41 -13.18
N VAL A 137 -32.84 -19.82 -11.91
CA VAL A 137 -33.00 -18.87 -10.80
C VAL A 137 -31.90 -17.82 -10.82
N ALA A 138 -30.65 -18.25 -11.05
CA ALA A 138 -29.51 -17.35 -10.90
C ALA A 138 -29.51 -16.26 -11.97
N GLU A 139 -30.00 -16.55 -13.17
CA GLU A 139 -30.10 -15.51 -14.19
C GLU A 139 -31.29 -14.59 -13.97
N LEU A 140 -32.20 -14.96 -13.06
CA LEU A 140 -33.28 -14.07 -12.64
C LEU A 140 -32.81 -13.03 -11.62
N LEU A 141 -31.70 -13.30 -10.94
CA LEU A 141 -31.21 -12.41 -9.89
C LEU A 141 -30.42 -11.25 -10.49
N ASP A 142 -30.56 -10.06 -9.89
CA ASP A 142 -29.83 -8.89 -10.33
C ASP A 142 -28.50 -8.71 -9.60
N PHE A 143 -28.31 -9.39 -8.47
CA PHE A 143 -27.08 -9.31 -7.69
C PHE A 143 -26.97 -10.61 -6.90
N LYS A 144 -25.77 -11.17 -6.86
CA LYS A 144 -25.52 -12.44 -6.19
C LYS A 144 -24.41 -12.27 -5.16
N ILE A 145 -24.71 -12.64 -3.91
CA ILE A 145 -23.79 -12.46 -2.79
C ILE A 145 -23.56 -13.82 -2.15
N TYR A 146 -22.32 -14.09 -1.76
CA TYR A 146 -21.96 -15.31 -1.07
C TYR A 146 -21.18 -14.99 0.19
N LEU A 147 -21.60 -15.59 1.31
CA LEU A 147 -20.89 -15.50 2.58
C LEU A 147 -20.09 -16.78 2.77
N ASP A 148 -18.77 -16.67 2.74
CA ASP A 148 -17.86 -17.81 2.76
C ASP A 148 -17.05 -17.79 4.06
N ILE A 149 -17.50 -18.56 5.04
CA ILE A 149 -16.73 -18.78 6.26
C ILE A 149 -15.89 -20.03 6.07
N SER A 150 -14.58 -19.89 6.22
CA SER A 150 -13.67 -21.02 6.07
C SER A 150 -13.95 -22.07 7.15
N ASP A 151 -13.49 -23.30 6.87
CA ASP A 151 -13.71 -24.39 7.81
C ASP A 151 -13.18 -24.05 9.19
N ASP A 152 -11.91 -23.62 9.25
CA ASP A 152 -11.27 -23.32 10.53
C ASP A 152 -12.11 -22.37 11.38
N ILE A 153 -12.68 -21.35 10.76
CA ILE A 153 -13.45 -20.38 11.52
C ILE A 153 -14.82 -20.95 11.88
N LYS A 154 -15.44 -21.68 10.95
CA LYS A 154 -16.68 -22.39 11.25
C LYS A 154 -16.48 -23.34 12.43
N PHE A 155 -15.54 -24.30 12.27
CA PHE A 155 -15.00 -25.15 13.32
C PHE A 155 -14.92 -24.41 14.66
N ALA A 156 -14.07 -23.37 14.70
CA ALA A 156 -13.83 -22.62 15.93
C ALA A 156 -15.06 -21.88 16.43
N TRP A 157 -16.03 -21.57 15.56
CA TRP A 157 -17.26 -20.91 16.01
C TRP A 157 -18.25 -21.92 16.60
N LYS A 158 -18.41 -23.08 15.96
CA LYS A 158 -19.33 -24.08 16.51
C LYS A 158 -18.78 -24.67 17.79
N ILE A 159 -17.44 -24.74 17.90
CA ILE A 159 -16.78 -25.21 19.11
C ILE A 159 -17.03 -24.26 20.28
N GLN A 160 -17.32 -23.01 19.97
CA GLN A 160 -17.69 -22.11 21.06
C GLN A 160 -19.19 -22.19 21.31
N ARG A 161 -20.00 -21.78 20.31
CA ARG A 161 -21.45 -21.73 20.52
C ARG A 161 -22.02 -23.05 21.01
N ASP A 162 -21.41 -24.17 20.64
CA ASP A 162 -21.61 -25.45 21.29
C ASP A 162 -20.31 -25.82 21.99
N MET A 163 -20.42 -26.56 23.09
CA MET A 163 -19.29 -27.16 23.81
C MET A 163 -18.15 -26.18 24.09
N ALA A 164 -17.03 -26.70 24.61
CA ALA A 164 -15.85 -25.90 24.98
C ALA A 164 -16.26 -24.56 25.58
N GLU A 165 -17.04 -24.65 26.66
CA GLU A 165 -17.73 -23.54 27.31
C GLU A 165 -18.97 -23.10 26.51
N ARG A 166 -19.37 -21.84 26.66
CA ARG A 166 -20.36 -21.17 25.82
C ARG A 166 -21.68 -21.94 25.64
N GLY A 167 -21.64 -23.05 24.89
CA GLY A 167 -22.81 -23.88 24.70
C GLY A 167 -22.83 -25.08 25.63
N HIS A 168 -23.76 -25.99 25.38
CA HIS A 168 -23.90 -27.11 26.30
C HIS A 168 -23.09 -28.34 25.89
N SER A 169 -23.17 -28.72 24.62
CA SER A 169 -22.80 -30.06 24.14
C SER A 169 -21.37 -30.50 24.42
N LEU A 170 -21.04 -31.71 23.96
CA LEU A 170 -19.74 -32.34 24.15
C LEU A 170 -18.78 -31.91 23.05
N GLU A 171 -17.50 -32.32 23.18
CA GLU A 171 -16.58 -32.16 22.05
C GLU A 171 -16.82 -33.22 21.01
N SER A 172 -17.15 -34.44 21.44
CA SER A 172 -17.39 -35.53 20.51
C SER A 172 -18.60 -35.24 19.62
N ILE A 173 -19.72 -34.81 20.23
CA ILE A 173 -20.90 -34.48 19.43
C ILE A 173 -20.54 -33.45 18.37
N LYS A 174 -19.58 -32.56 18.65
CA LYS A 174 -19.16 -31.64 17.61
C LYS A 174 -18.27 -32.34 16.60
N SER A 175 -18.82 -33.41 16.03
CA SER A 175 -18.50 -33.85 14.67
C SER A 175 -19.76 -34.33 13.97
N SER A 176 -20.91 -33.73 14.32
CA SER A 176 -21.95 -33.50 13.33
C SER A 176 -21.40 -32.63 12.20
N ILE A 177 -20.31 -31.91 12.49
CA ILE A 177 -19.47 -31.30 11.46
C ILE A 177 -18.94 -32.34 10.49
N ALA A 178 -18.71 -33.57 10.96
CA ALA A 178 -18.22 -34.63 10.08
C ALA A 178 -19.29 -35.02 9.06
N ALA A 179 -20.48 -35.34 9.53
CA ALA A 179 -21.63 -35.27 8.65
C ALA A 179 -21.79 -33.83 8.16
N ARG A 180 -22.69 -33.63 7.20
CA ARG A 180 -22.97 -32.27 6.71
C ARG A 180 -21.81 -31.66 5.91
N LYS A 181 -20.56 -31.94 6.30
CA LYS A 181 -19.43 -31.37 5.57
C LYS A 181 -19.36 -31.91 4.14
N PRO A 182 -19.57 -33.21 3.89
CA PRO A 182 -19.60 -33.66 2.49
C PRO A 182 -20.62 -32.91 1.63
N ASP A 183 -21.80 -32.61 2.16
CA ASP A 183 -22.80 -31.90 1.36
C ASP A 183 -22.44 -30.44 1.16
N PHE A 184 -21.91 -29.77 2.19
CA PHE A 184 -21.54 -28.37 2.05
C PHE A 184 -20.44 -28.20 1.01
N ASP A 185 -19.39 -29.02 1.12
CA ASP A 185 -18.33 -28.98 0.11
C ASP A 185 -18.90 -29.24 -1.28
N ALA A 186 -19.89 -30.12 -1.38
CA ALA A 186 -20.26 -30.64 -2.70
C ALA A 186 -21.30 -29.78 -3.39
N TYR A 187 -22.25 -29.23 -2.65
CA TYR A 187 -23.41 -28.58 -3.25
C TYR A 187 -23.56 -27.12 -2.91
N ILE A 188 -23.10 -26.69 -1.75
CA ILE A 188 -23.24 -25.30 -1.32
C ILE A 188 -22.03 -24.49 -1.77
N ASP A 189 -20.84 -24.94 -1.35
CA ASP A 189 -19.62 -24.16 -1.55
C ASP A 189 -19.33 -23.79 -3.00
N PRO A 190 -19.60 -24.64 -4.01
CA PRO A 190 -19.34 -24.21 -5.40
C PRO A 190 -20.19 -23.04 -5.87
N GLN A 191 -21.29 -22.72 -5.18
CA GLN A 191 -22.13 -21.61 -5.61
C GLN A 191 -21.42 -20.27 -5.56
N LYS A 192 -20.33 -20.17 -4.80
CA LYS A 192 -19.59 -18.92 -4.69
C LYS A 192 -18.76 -18.62 -5.94
N LYS A 193 -18.56 -19.60 -6.82
CA LYS A 193 -17.76 -19.35 -8.02
C LYS A 193 -18.41 -18.31 -8.92
N ASP A 194 -19.74 -18.20 -8.87
CA ASP A 194 -20.52 -17.34 -9.75
C ASP A 194 -21.00 -16.06 -9.07
N ALA A 195 -20.75 -15.91 -7.78
CA ALA A 195 -21.28 -14.76 -7.05
C ALA A 195 -20.71 -13.46 -7.60
N ASP A 196 -21.48 -12.37 -7.43
CA ASP A 196 -21.01 -11.06 -7.84
C ASP A 196 -20.08 -10.46 -6.79
N MET A 197 -20.37 -10.70 -5.52
CA MET A 197 -19.50 -10.29 -4.41
C MET A 197 -19.45 -11.43 -3.40
N ILE A 198 -18.26 -11.66 -2.84
CA ILE A 198 -18.04 -12.72 -1.87
C ILE A 198 -17.32 -12.14 -0.67
N ILE A 199 -17.83 -12.42 0.52
CA ILE A 199 -17.17 -12.07 1.77
C ILE A 199 -16.61 -13.35 2.37
N GLN A 200 -15.30 -13.46 2.36
CA GLN A 200 -14.57 -14.61 2.87
C GLN A 200 -13.99 -14.27 4.23
N VAL A 201 -14.19 -15.15 5.21
CA VAL A 201 -13.76 -14.90 6.59
C VAL A 201 -12.75 -15.97 6.96
N LEU A 202 -11.49 -15.58 7.10
CA LEU A 202 -10.39 -16.48 7.28
C LEU A 202 -9.72 -16.29 8.63
N PRO A 203 -8.84 -17.21 9.03
CA PRO A 203 -8.04 -16.97 10.23
C PRO A 203 -7.15 -15.75 10.06
N THR A 204 -6.98 -15.00 11.15
CA THR A 204 -6.06 -13.88 11.18
C THR A 204 -4.64 -14.34 10.89
N GLN A 205 -3.77 -13.42 10.52
CA GLN A 205 -2.36 -13.72 10.34
C GLN A 205 -1.49 -12.83 11.23
N LEU A 206 -2.10 -12.05 12.12
CA LEU A 206 -1.42 -11.06 12.94
C LEU A 206 -1.10 -11.56 14.35
N VAL A 207 -1.85 -12.54 14.84
CA VAL A 207 -1.78 -12.95 16.24
C VAL A 207 -2.30 -14.38 16.29
N PRO A 208 -1.74 -15.26 17.14
CA PRO A 208 -2.30 -16.60 17.26
C PRO A 208 -3.68 -16.54 17.91
N ASP A 209 -4.64 -17.24 17.30
CA ASP A 209 -6.02 -17.17 17.75
C ASP A 209 -6.71 -18.45 17.31
N ASP A 210 -7.06 -19.30 18.27
CA ASP A 210 -7.74 -20.56 17.99
C ASP A 210 -9.26 -20.46 18.11
N LYS A 211 -9.78 -19.31 18.51
CA LYS A 211 -11.20 -19.16 18.82
C LYS A 211 -11.98 -18.46 17.72
N GLY A 212 -11.32 -17.98 16.67
CA GLY A 212 -12.02 -17.22 15.65
C GLY A 212 -12.40 -15.83 16.09
N GLN A 213 -11.68 -15.27 17.06
CA GLN A 213 -11.98 -13.95 17.58
C GLN A 213 -11.41 -12.85 16.70
N TYR A 214 -10.28 -13.10 16.06
CA TYR A 214 -9.62 -12.14 15.19
C TYR A 214 -9.65 -12.66 13.77
N LEU A 215 -10.07 -11.82 12.83
CA LEU A 215 -10.49 -12.26 11.50
C LEU A 215 -9.71 -11.58 10.40
N ARG A 216 -9.34 -12.36 9.40
CA ARG A 216 -8.90 -11.87 8.11
C ARG A 216 -10.10 -11.96 7.16
N VAL A 217 -10.61 -10.82 6.72
CA VAL A 217 -11.87 -10.74 5.99
C VAL A 217 -11.58 -10.22 4.58
N ARG A 218 -12.11 -10.91 3.57
CA ARG A 218 -11.86 -10.59 2.18
C ARG A 218 -13.17 -10.25 1.47
N LEU A 219 -13.22 -9.11 0.80
CA LEU A 219 -14.33 -8.74 -0.08
C LEU A 219 -13.84 -8.91 -1.51
N ILE A 220 -14.28 -9.99 -2.15
CA ILE A 220 -13.86 -10.33 -3.51
C ILE A 220 -14.94 -9.85 -4.46
N MET A 221 -14.58 -8.97 -5.39
CA MET A 221 -15.54 -8.28 -6.23
C MET A 221 -15.25 -8.58 -7.70
N LYS A 222 -16.21 -9.21 -8.38
CA LYS A 222 -16.05 -9.55 -9.80
C LYS A 222 -15.91 -8.28 -10.64
N GLU A 223 -14.95 -8.29 -11.56
CA GLU A 223 -14.66 -7.11 -12.37
C GLU A 223 -15.57 -7.06 -13.59
N GLY A 224 -15.94 -5.84 -13.98
CA GLY A 224 -16.60 -5.62 -15.25
C GLY A 224 -18.09 -5.93 -15.27
N SER A 225 -18.87 -5.16 -14.52
CA SER A 225 -20.31 -5.32 -14.46
C SER A 225 -20.99 -3.98 -14.64
N LYS A 226 -22.03 -3.94 -15.48
CA LYS A 226 -22.83 -2.74 -15.60
C LYS A 226 -23.52 -2.39 -14.28
N MET A 227 -23.78 -3.39 -13.45
CA MET A 227 -24.61 -3.19 -12.27
C MET A 227 -23.85 -2.59 -11.08
N PHE A 228 -22.53 -2.72 -11.02
CA PHE A 228 -21.77 -2.22 -9.88
C PHE A 228 -20.31 -2.04 -10.28
N ASP A 229 -19.57 -1.36 -9.40
CA ASP A 229 -18.15 -1.13 -9.58
C ASP A 229 -17.43 -1.43 -8.28
N PRO A 230 -16.35 -2.22 -8.32
CA PRO A 230 -15.68 -2.61 -7.08
C PRO A 230 -15.07 -1.43 -6.33
N VAL A 231 -15.06 -1.55 -5.00
CA VAL A 231 -14.37 -0.60 -4.14
C VAL A 231 -12.86 -0.65 -4.40
N TYR A 232 -12.16 0.41 -3.99
CA TYR A 232 -10.70 0.35 -4.06
C TYR A 232 -10.08 1.26 -3.00
N LEU A 233 -8.76 1.12 -2.88
CA LEU A 233 -7.98 1.73 -1.82
C LEU A 233 -6.84 2.53 -2.45
N PHE A 234 -6.81 3.83 -2.18
CA PHE A 234 -5.75 4.72 -2.64
C PHE A 234 -5.71 4.87 -4.16
N ASP A 235 -5.50 3.77 -4.88
CA ASP A 235 -5.21 3.82 -6.30
C ASP A 235 -5.78 2.58 -6.95
N GLU A 236 -6.70 2.76 -7.89
CA GLU A 236 -7.43 1.63 -8.45
C GLU A 236 -6.50 0.76 -9.30
N GLY A 237 -6.61 -0.57 -9.10
CA GLY A 237 -5.89 -1.53 -9.89
C GLY A 237 -4.48 -1.84 -9.44
N SER A 238 -3.99 -1.16 -8.41
CA SER A 238 -2.66 -1.46 -7.88
C SER A 238 -2.77 -2.60 -6.87
N THR A 239 -1.61 -2.94 -6.29
CA THR A 239 -1.53 -3.89 -5.19
C THR A 239 -0.91 -3.17 -4.01
N ILE A 240 -1.61 -3.18 -2.87
CA ILE A 240 -1.23 -2.36 -1.72
C ILE A 240 -1.42 -3.14 -0.43
N SER A 241 -0.40 -3.09 0.43
CA SER A 241 -0.54 -3.38 1.85
C SER A 241 -0.51 -2.06 2.61
N TRP A 242 -1.38 -1.93 3.62
CA TRP A 242 -1.50 -0.67 4.35
C TRP A 242 -1.81 -0.95 5.81
N ILE A 243 -0.86 -0.63 6.68
CA ILE A 243 -1.08 -0.62 8.13
C ILE A 243 -1.39 0.83 8.53
N PRO A 244 -2.63 1.13 8.93
CA PRO A 244 -2.98 2.50 9.29
C PRO A 244 -2.17 2.97 10.50
N CYS A 245 -2.11 4.30 10.66
CA CYS A 245 -1.02 4.92 11.41
C CYS A 245 -0.99 4.49 12.88
N GLY A 246 -2.16 4.24 13.48
CA GLY A 246 -2.21 3.86 14.87
C GLY A 246 -2.25 5.03 15.84
N ARG A 247 -1.78 6.21 15.42
CA ARG A 247 -2.23 7.43 16.08
C ARG A 247 -3.57 7.86 15.51
N LYS A 248 -3.79 7.58 14.23
CA LYS A 248 -5.01 7.95 13.52
C LYS A 248 -6.07 6.85 13.51
N LEU A 249 -5.74 5.65 13.99
CA LEU A 249 -6.74 4.60 14.19
C LEU A 249 -6.30 3.80 15.43
N THR A 250 -6.94 4.08 16.56
CA THR A 250 -6.52 3.49 17.82
C THR A 250 -6.82 1.99 17.84
N CYS A 251 -5.77 1.20 18.04
CA CYS A 251 -5.90 -0.25 18.11
C CYS A 251 -4.97 -0.77 19.21
N SER A 252 -5.50 -1.61 20.08
CA SER A 252 -4.64 -2.48 20.85
C SER A 252 -4.03 -3.49 19.89
N PHE A 253 -3.25 -4.43 20.41
CA PHE A 253 -2.82 -5.52 19.56
C PHE A 253 -4.06 -6.29 19.10
N PRO A 254 -4.01 -6.93 17.91
CA PRO A 254 -2.89 -7.06 16.98
C PRO A 254 -2.69 -5.87 16.05
N GLY A 255 -3.60 -4.90 16.11
CA GLY A 255 -3.62 -3.82 15.15
C GLY A 255 -4.54 -4.12 13.98
N ILE A 256 -4.26 -3.47 12.86
CA ILE A 256 -5.08 -3.62 11.65
C ILE A 256 -4.17 -3.57 10.43
N LYS A 257 -4.61 -4.24 9.37
CA LYS A 257 -3.82 -4.40 8.16
C LYS A 257 -4.77 -4.55 6.98
N MET A 258 -4.70 -3.62 6.03
CA MET A 258 -5.51 -3.67 4.83
C MET A 258 -4.70 -4.21 3.67
N PHE A 259 -5.39 -4.83 2.72
CA PHE A 259 -4.81 -5.27 1.47
C PHE A 259 -5.80 -4.95 0.35
N TYR A 260 -5.26 -4.49 -0.77
CA TYR A 260 -6.05 -4.22 -1.96
C TYR A 260 -5.27 -4.67 -3.18
N GLY A 261 -5.92 -5.41 -4.07
CA GLY A 261 -5.24 -5.89 -5.25
C GLY A 261 -6.07 -6.74 -6.20
N PRO A 262 -5.64 -6.76 -7.46
CA PRO A 262 -6.19 -7.70 -8.43
C PRO A 262 -5.93 -9.14 -8.02
N ASP A 263 -6.83 -10.03 -8.42
CA ASP A 263 -6.64 -11.47 -8.20
C ASP A 263 -7.55 -12.25 -9.14
N THR A 264 -7.54 -13.57 -8.97
CA THR A 264 -8.27 -14.50 -9.81
C THR A 264 -9.20 -15.33 -8.92
N TRP A 265 -10.49 -15.34 -9.24
CA TRP A 265 -11.49 -16.09 -8.49
C TRP A 265 -12.03 -17.16 -9.42
N TYR A 266 -11.54 -18.39 -9.26
CA TYR A 266 -11.93 -19.53 -10.09
C TYR A 266 -11.83 -19.16 -11.58
N GLY A 267 -10.65 -18.71 -11.97
CA GLY A 267 -10.38 -18.35 -13.34
C GLY A 267 -11.07 -17.08 -13.78
N GLN A 268 -11.69 -16.37 -12.84
CA GLN A 268 -12.34 -15.10 -13.14
C GLN A 268 -11.57 -13.95 -12.48
N GLU A 269 -11.75 -12.76 -13.05
CA GLU A 269 -10.95 -11.58 -12.72
C GLU A 269 -11.66 -10.76 -11.65
N VAL A 270 -11.01 -10.57 -10.50
CA VAL A 270 -11.65 -9.93 -9.36
C VAL A 270 -10.75 -8.87 -8.74
N SER A 271 -11.39 -7.95 -8.02
CA SER A 271 -10.72 -7.00 -7.14
C SER A 271 -10.92 -7.47 -5.71
N VAL A 272 -9.85 -7.46 -4.91
CA VAL A 272 -9.90 -7.96 -3.55
C VAL A 272 -9.57 -6.82 -2.60
N LEU A 273 -10.46 -6.57 -1.65
CA LEU A 273 -10.22 -5.67 -0.53
C LEU A 273 -10.19 -6.49 0.74
N GLU A 274 -9.14 -6.33 1.55
CA GLU A 274 -8.94 -7.16 2.72
C GLU A 274 -8.76 -6.32 3.97
N MET A 275 -9.26 -6.83 5.08
CA MET A 275 -8.96 -6.27 6.39
C MET A 275 -8.62 -7.41 7.34
N ASP A 276 -7.47 -7.29 8.01
CA ASP A 276 -7.06 -8.23 9.05
C ASP A 276 -6.89 -7.45 10.35
N GLY A 277 -7.50 -7.97 11.41
CA GLY A 277 -7.38 -7.38 12.72
C GLY A 277 -8.69 -6.74 13.18
N GLN A 278 -8.56 -5.90 14.21
CA GLN A 278 -9.69 -5.34 14.93
C GLN A 278 -9.38 -3.91 15.33
N PHE A 279 -10.34 -3.00 15.09
CA PHE A 279 -10.22 -1.63 15.55
C PHE A 279 -11.07 -1.41 16.79
N ASP A 280 -10.60 -0.56 17.70
CA ASP A 280 -11.20 -0.45 19.02
C ASP A 280 -12.25 0.65 19.14
N LYS A 281 -12.12 1.74 18.37
CA LYS A 281 -13.04 2.88 18.44
C LYS A 281 -13.70 3.09 17.09
N LEU A 282 -15.00 2.75 17.01
CA LEU A 282 -15.71 2.65 15.74
C LEU A 282 -15.78 3.96 14.98
N GLU A 283 -15.71 5.10 15.69
CA GLU A 283 -15.88 6.38 15.00
C GLU A 283 -14.68 6.74 14.13
N GLU A 284 -13.50 6.20 14.46
CA GLU A 284 -12.30 6.52 13.70
C GLU A 284 -12.23 5.79 12.36
N LEU A 285 -13.12 4.82 12.13
CA LEU A 285 -13.19 4.14 10.84
C LEU A 285 -13.34 5.12 9.68
N ILE A 286 -13.75 6.35 9.95
CA ILE A 286 -13.78 7.40 8.94
C ILE A 286 -12.37 7.63 8.38
N TYR A 287 -11.34 7.37 9.17
CA TYR A 287 -9.97 7.43 8.67
C TYR A 287 -9.75 6.39 7.57
N VAL A 288 -10.25 5.17 7.79
CA VAL A 288 -10.19 4.13 6.75
C VAL A 288 -11.07 4.52 5.56
N GLU A 289 -12.36 4.74 5.82
CA GLU A 289 -13.31 5.09 4.77
C GLU A 289 -12.81 6.26 3.93
N SER A 290 -12.02 7.16 4.53
CA SER A 290 -11.46 8.30 3.80
C SER A 290 -10.55 7.88 2.66
N HIS A 291 -10.06 6.65 2.65
CA HIS A 291 -9.16 6.17 1.61
C HIS A 291 -9.77 5.12 0.71
N LEU A 292 -11.02 4.72 0.97
CA LEU A 292 -11.77 3.88 0.05
C LEU A 292 -12.41 4.75 -1.01
N SER A 293 -12.55 4.20 -2.21
CA SER A 293 -13.22 4.87 -3.30
C SER A 293 -14.16 3.90 -3.99
N ASN A 294 -15.21 4.45 -4.59
CA ASN A 294 -16.32 3.66 -5.14
C ASN A 294 -16.94 2.77 -4.07
N THR A 295 -17.23 3.37 -2.92
CA THR A 295 -17.98 2.69 -1.87
C THR A 295 -19.47 2.65 -2.14
N SER A 296 -19.93 3.32 -3.20
CA SER A 296 -21.35 3.54 -3.49
C SER A 296 -22.05 4.31 -2.37
N ALA A 297 -21.28 5.01 -1.55
CA ALA A 297 -21.86 5.91 -0.57
C ALA A 297 -22.44 7.14 -1.26
N LYS A 298 -23.28 7.87 -0.53
CA LYS A 298 -23.92 9.07 -1.07
C LYS A 298 -23.31 10.34 -0.47
N PHE A 299 -23.36 10.50 0.84
CA PHE A 299 -22.51 11.51 1.46
C PHE A 299 -21.16 10.88 1.76
N TYR A 300 -20.50 11.26 2.85
CA TYR A 300 -19.12 10.82 3.02
C TYR A 300 -18.85 10.01 4.29
N GLY A 301 -19.67 10.13 5.32
CA GLY A 301 -19.48 9.30 6.49
C GLY A 301 -20.41 8.11 6.51
N GLU A 302 -20.96 7.76 5.34
CA GLU A 302 -22.13 6.89 5.30
C GLU A 302 -21.82 5.50 5.85
N ILE A 303 -20.75 4.86 5.37
CA ILE A 303 -20.36 3.57 5.93
C ILE A 303 -20.18 3.70 7.44
N THR A 304 -19.33 4.64 7.87
CA THR A 304 -19.08 4.84 9.29
C THR A 304 -20.37 5.15 10.05
N GLN A 305 -21.25 5.96 9.47
CA GLN A 305 -22.50 6.29 10.15
C GLN A 305 -23.52 5.16 10.05
N GLN A 306 -23.51 4.41 8.93
CA GLN A 306 -24.35 3.20 8.85
C GLN A 306 -23.95 2.22 9.93
N MET A 307 -22.65 2.06 10.17
CA MET A 307 -22.16 1.13 11.17
C MET A 307 -22.38 1.65 12.58
N LEU A 308 -22.24 2.98 12.78
CA LEU A 308 -22.51 3.55 14.08
C LEU A 308 -23.99 3.44 14.43
N LYS A 309 -24.87 3.52 13.43
CA LYS A 309 -26.29 3.25 13.65
C LYS A 309 -26.48 1.83 14.19
N ASN A 310 -25.80 0.86 13.59
CA ASN A 310 -25.90 -0.54 13.98
C ASN A 310 -24.73 -0.96 14.87
N SER A 311 -24.24 -0.06 15.72
CA SER A 311 -22.98 -0.24 16.42
C SER A 311 -22.98 -1.42 17.40
N GLY A 312 -24.15 -1.92 17.76
CA GLY A 312 -24.22 -3.05 18.66
C GLY A 312 -24.18 -4.40 17.98
N PHE A 313 -24.10 -4.42 16.65
CA PHE A 313 -24.15 -5.67 15.92
C PHE A 313 -22.84 -6.44 16.10
N PRO A 314 -22.89 -7.77 16.04
CA PRO A 314 -21.65 -8.54 15.86
C PRO A 314 -20.92 -8.09 14.61
N GLY A 315 -19.59 -8.13 14.68
CA GLY A 315 -18.76 -7.74 13.56
C GLY A 315 -18.54 -6.26 13.40
N SER A 316 -19.00 -5.44 14.34
CA SER A 316 -18.87 -3.99 14.19
C SER A 316 -17.43 -3.51 14.33
N ASN A 317 -16.52 -4.36 14.81
CA ASN A 317 -15.15 -3.94 15.08
C ASN A 317 -14.12 -4.70 14.24
N ASN A 318 -14.54 -5.27 13.11
CA ASN A 318 -13.59 -5.93 12.22
C ASN A 318 -14.08 -5.78 10.78
N GLY A 319 -13.43 -6.51 9.87
CA GLY A 319 -13.75 -6.40 8.46
C GLY A 319 -15.13 -6.93 8.09
N THR A 320 -15.72 -7.76 8.95
CA THR A 320 -17.05 -8.33 8.66
C THR A 320 -18.09 -7.22 8.55
N GLY A 321 -18.26 -6.44 9.61
CA GLY A 321 -19.23 -5.35 9.57
C GLY A 321 -18.94 -4.35 8.47
N LEU A 322 -17.66 -4.01 8.30
CA LEU A 322 -17.29 -3.01 7.30
C LEU A 322 -17.69 -3.44 5.90
N PHE A 323 -17.24 -4.63 5.48
CA PHE A 323 -17.50 -5.06 4.12
C PHE A 323 -18.95 -5.43 3.90
N GLN A 324 -19.63 -5.95 4.93
CA GLN A 324 -21.06 -6.20 4.82
C GLN A 324 -21.81 -4.90 4.59
N THR A 325 -21.45 -3.85 5.33
CA THR A 325 -22.05 -2.54 5.10
C THR A 325 -21.83 -2.09 3.66
N ILE A 326 -20.61 -2.25 3.15
CA ILE A 326 -20.30 -1.78 1.81
C ILE A 326 -21.11 -2.53 0.76
N VAL A 327 -21.30 -3.84 0.95
CA VAL A 327 -22.13 -4.61 0.04
C VAL A 327 -23.56 -4.07 0.04
N GLY A 328 -24.05 -3.63 1.21
CA GLY A 328 -25.38 -3.05 1.28
C GLY A 328 -25.53 -1.80 0.44
N LEU A 329 -24.52 -0.93 0.49
CA LEU A 329 -24.52 0.25 -0.37
C LEU A 329 -24.40 -0.12 -1.85
N LYS A 330 -23.78 -1.25 -2.16
CA LYS A 330 -23.73 -1.72 -3.54
C LYS A 330 -25.03 -2.37 -3.98
N VAL A 331 -25.78 -2.95 -3.04
CA VAL A 331 -27.12 -3.44 -3.35
C VAL A 331 -28.05 -2.27 -3.62
N ARG A 332 -27.92 -1.19 -2.86
CA ARG A 332 -28.68 0.03 -3.14
C ARG A 332 -28.38 0.56 -4.52
N GLU A 333 -27.10 0.55 -4.92
CA GLU A 333 -26.73 1.11 -6.23
C GLU A 333 -27.18 0.21 -7.36
N VAL A 334 -27.23 -1.12 -7.15
CA VAL A 334 -27.83 -2.01 -8.14
C VAL A 334 -29.29 -1.65 -8.34
N TYR A 335 -30.02 -1.48 -7.24
CA TYR A 335 -31.44 -1.17 -7.33
C TYR A 335 -31.68 0.17 -8.00
N GLU A 336 -30.85 1.17 -7.69
CA GLU A 336 -31.04 2.49 -8.29
C GLU A 336 -30.73 2.47 -9.78
N ARG A 337 -29.69 1.74 -10.19
CA ARG A 337 -29.34 1.65 -11.60
C ARG A 337 -30.46 1.01 -12.42
N ILE A 338 -31.23 0.12 -11.81
CA ILE A 338 -32.29 -0.58 -12.54
C ILE A 338 -33.53 0.29 -12.65
N VAL A 339 -34.02 0.82 -11.54
CA VAL A 339 -35.26 1.57 -11.59
C VAL A 339 -35.02 3.00 -12.09
N LYS A 340 -33.90 3.60 -11.70
CA LYS A 340 -33.52 4.95 -12.11
C LYS A 340 -34.67 5.95 -12.02
N ASP B 5 20.71 38.08 -0.76
CA ASP B 5 21.73 38.21 0.28
C ASP B 5 21.60 37.10 1.32
N LYS B 6 22.75 36.75 1.92
CA LYS B 6 22.96 35.63 2.83
C LYS B 6 23.07 34.31 2.08
N THR B 7 24.19 33.61 2.30
CA THR B 7 24.59 32.44 1.53
C THR B 7 24.20 31.16 2.24
N VAL B 8 23.65 30.20 1.49
CA VAL B 8 23.19 28.92 2.02
C VAL B 8 24.24 27.86 1.72
N VAL B 9 24.45 26.94 2.67
CA VAL B 9 25.56 26.00 2.63
C VAL B 9 25.02 24.58 2.76
N ILE B 10 25.23 23.77 1.72
CA ILE B 10 24.76 22.39 1.69
C ILE B 10 25.99 21.48 1.66
N GLY B 11 25.91 20.37 2.40
CA GLY B 11 26.98 19.40 2.41
C GLY B 11 26.55 18.05 1.83
N LEU B 12 27.33 17.52 0.90
CA LEU B 12 27.03 16.23 0.27
C LEU B 12 28.21 15.30 0.53
N ALA B 13 27.97 14.27 1.34
CA ALA B 13 28.96 13.22 1.60
C ALA B 13 28.70 12.05 0.68
N ALA B 14 29.68 11.75 -0.18
CA ALA B 14 29.57 10.62 -1.10
C ALA B 14 30.97 10.14 -1.45
N ASP B 15 31.03 8.94 -1.98
CA ASP B 15 32.29 8.30 -2.35
C ASP B 15 32.58 8.52 -3.82
N SER B 16 33.80 8.16 -4.21
CA SER B 16 34.19 8.19 -5.61
C SER B 16 33.63 6.97 -6.34
N GLY B 17 33.30 7.17 -7.61
CA GLY B 17 32.84 6.07 -8.46
C GLY B 17 31.54 5.43 -8.01
N CYS B 18 30.61 6.21 -7.44
CA CYS B 18 29.30 5.67 -7.12
C CYS B 18 28.20 6.72 -7.32
N GLY B 19 28.41 7.66 -8.24
CA GLY B 19 27.34 8.49 -8.76
C GLY B 19 27.17 9.86 -8.13
N LYS B 20 28.20 10.42 -7.48
CA LYS B 20 28.00 11.67 -6.78
C LYS B 20 27.90 12.86 -7.73
N SER B 21 28.56 12.80 -8.90
CA SER B 21 28.51 13.93 -9.82
C SER B 21 27.16 14.00 -10.54
N THR B 22 26.56 12.84 -10.83
CA THR B 22 25.19 12.83 -11.35
C THR B 22 24.22 13.42 -10.33
N PHE B 23 24.34 12.98 -9.07
CA PHE B 23 23.60 13.57 -7.96
C PHE B 23 23.78 15.08 -7.92
N MET B 24 25.04 15.54 -7.95
CA MET B 24 25.34 16.96 -7.97
C MET B 24 24.61 17.67 -9.09
N ARG B 25 24.61 17.08 -10.28
CA ARG B 25 24.05 17.75 -11.44
C ARG B 25 22.54 17.89 -11.32
N ARG B 26 21.87 16.85 -10.83
CA ARG B 26 20.43 16.92 -10.61
C ARG B 26 20.09 18.05 -9.65
N MET B 27 20.86 18.20 -8.58
CA MET B 27 20.53 19.22 -7.58
C MET B 27 20.76 20.62 -8.13
N THR B 28 21.86 20.85 -8.86
CA THR B 28 22.09 22.16 -9.43
C THR B 28 21.10 22.45 -10.56
N SER B 29 20.71 21.42 -11.32
CA SER B 29 19.82 21.62 -12.46
C SER B 29 18.46 22.17 -12.05
N ILE B 30 18.10 22.08 -10.77
CA ILE B 30 16.81 22.64 -10.33
C ILE B 30 16.86 24.16 -10.35
N PHE B 31 17.99 24.74 -10.00
CA PHE B 31 18.22 26.17 -10.14
C PHE B 31 18.65 26.57 -11.54
N GLY B 32 18.63 25.64 -12.50
CA GLY B 32 18.92 25.93 -13.88
C GLY B 32 20.37 26.29 -14.16
N GLY B 33 20.81 26.10 -15.40
CA GLY B 33 22.19 26.40 -15.73
C GLY B 33 23.16 25.40 -15.13
N VAL B 34 24.05 24.87 -15.96
CA VAL B 34 24.95 23.80 -15.54
C VAL B 34 26.24 24.42 -15.02
N PRO B 35 26.60 24.19 -13.75
CA PRO B 35 27.88 24.69 -13.23
C PRO B 35 29.06 24.21 -14.08
N LYS B 36 30.09 25.06 -14.19
CA LYS B 36 31.24 24.81 -15.04
C LYS B 36 32.50 25.37 -14.39
N PRO B 37 33.67 24.83 -14.72
CA PRO B 37 34.89 25.26 -14.03
C PRO B 37 35.20 26.72 -14.33
N PRO B 38 35.97 27.38 -13.44
CA PRO B 38 36.46 28.74 -13.74
C PRO B 38 36.96 28.92 -15.17
N ALA B 39 36.79 30.14 -15.70
CA ALA B 39 36.90 30.36 -17.14
C ALA B 39 38.34 30.19 -17.62
N GLY B 40 39.29 30.86 -16.99
CA GLY B 40 40.67 30.79 -17.42
C GLY B 40 41.53 29.92 -16.53
N GLY B 41 40.99 29.50 -15.39
CA GLY B 41 41.78 28.87 -14.36
C GLY B 41 42.37 27.51 -14.68
N ASN B 42 42.79 26.81 -13.63
CA ASN B 42 43.44 25.51 -13.76
C ASN B 42 42.54 24.56 -14.57
N PRO B 43 43.04 23.92 -15.61
CA PRO B 43 42.22 22.93 -16.33
C PRO B 43 41.81 21.76 -15.47
N ASP B 44 42.62 21.40 -14.47
CA ASP B 44 42.32 20.33 -13.53
C ASP B 44 41.64 20.83 -12.28
N SER B 45 40.95 21.97 -12.34
CA SER B 45 40.21 22.46 -11.19
C SER B 45 39.02 21.56 -10.90
N ASN B 46 38.71 21.42 -9.61
CA ASN B 46 37.59 20.60 -9.18
C ASN B 46 36.32 21.41 -8.94
N THR B 47 36.40 22.73 -8.99
CA THR B 47 35.26 23.58 -8.70
C THR B 47 34.35 23.71 -9.92
N LEU B 48 33.05 23.88 -9.66
CA LEU B 48 32.08 24.18 -10.70
C LEU B 48 31.16 25.29 -10.21
N ILE B 49 30.93 26.28 -11.08
CA ILE B 49 30.15 27.48 -10.74
C ILE B 49 29.00 27.62 -11.73
N SER B 50 27.82 27.93 -11.21
CA SER B 50 26.75 28.41 -12.05
C SER B 50 26.18 29.67 -11.42
N ASP B 51 25.22 30.29 -12.11
CA ASP B 51 24.57 31.49 -11.59
C ASP B 51 24.17 31.32 -10.13
N MET B 52 23.50 30.22 -9.79
CA MET B 52 22.99 30.11 -8.44
C MET B 52 23.88 29.29 -7.51
N THR B 53 24.56 28.26 -8.02
CA THR B 53 25.30 27.34 -7.15
C THR B 53 26.81 27.40 -7.43
N THR B 54 27.58 27.02 -6.40
CA THR B 54 29.03 26.84 -6.50
C THR B 54 29.40 25.58 -5.73
N VAL B 55 30.01 24.63 -6.43
CA VAL B 55 30.31 23.31 -5.89
C VAL B 55 31.82 23.18 -5.67
N ILE B 56 32.21 22.80 -4.47
CA ILE B 56 33.61 22.65 -4.09
C ILE B 56 33.88 21.19 -3.75
N CYS B 57 34.92 20.62 -4.36
CA CYS B 57 35.36 19.28 -4.02
C CYS B 57 36.28 19.35 -2.81
N LEU B 58 35.95 18.58 -1.76
CA LEU B 58 36.67 18.67 -0.51
C LEU B 58 38.08 18.10 -0.58
N ASP B 59 38.46 17.47 -1.70
CA ASP B 59 39.85 17.04 -1.87
C ASP B 59 40.81 18.21 -1.77
N ASP B 60 40.39 19.40 -2.22
CA ASP B 60 41.22 20.60 -2.19
C ASP B 60 41.73 20.92 -0.80
N TYR B 61 41.26 20.23 0.23
CA TYR B 61 41.73 20.44 1.60
C TYR B 61 42.55 19.26 2.10
N HIS B 62 43.00 18.38 1.20
CA HIS B 62 44.09 17.47 1.52
C HIS B 62 45.30 18.26 1.99
N CYS B 63 45.77 17.97 3.19
CA CYS B 63 46.99 18.60 3.70
C CYS B 63 48.26 17.86 3.26
N LEU B 64 48.11 16.78 2.51
CA LEU B 64 49.26 16.04 1.97
C LEU B 64 48.94 15.63 0.54
N ASP B 65 49.92 15.78 -0.35
CA ASP B 65 49.71 15.38 -1.73
C ASP B 65 49.80 13.85 -1.83
N ARG B 66 49.74 13.34 -3.06
CA ARG B 66 49.78 11.89 -3.26
C ARG B 66 51.03 11.27 -2.64
N ASN B 67 52.19 11.87 -2.91
CA ASN B 67 53.44 11.30 -2.40
C ASN B 67 53.63 11.59 -0.92
N GLY B 68 53.19 12.77 -0.45
CA GLY B 68 53.19 13.02 0.97
C GLY B 68 52.31 12.04 1.73
N ARG B 69 51.16 11.70 1.15
CA ARG B 69 50.31 10.68 1.75
C ARG B 69 50.97 9.30 1.69
N LYS B 70 51.77 9.04 0.67
CA LYS B 70 52.37 7.71 0.53
C LYS B 70 53.45 7.48 1.58
N VAL B 71 54.28 8.49 1.89
CA VAL B 71 55.37 8.27 2.83
C VAL B 71 54.85 8.12 4.25
N LYS B 72 53.73 8.75 4.58
CA LYS B 72 53.17 8.63 5.92
C LYS B 72 52.31 7.38 6.09
N GLY B 73 52.18 6.56 5.06
CA GLY B 73 51.35 5.37 5.15
C GLY B 73 49.90 5.69 5.45
N VAL B 74 49.37 6.75 4.84
CA VAL B 74 47.98 7.16 5.06
C VAL B 74 47.29 7.24 3.71
N THR B 75 45.99 6.99 3.72
CA THR B 75 45.16 7.09 2.52
C THR B 75 44.46 8.46 2.48
N ALA B 76 43.82 8.73 1.35
CA ALA B 76 43.05 9.97 1.20
C ALA B 76 41.82 10.00 2.11
N LEU B 77 41.41 8.87 2.64
CA LEU B 77 40.22 8.81 3.49
C LEU B 77 40.54 9.11 4.96
N ALA B 78 41.81 9.16 5.32
CA ALA B 78 42.19 9.35 6.71
C ALA B 78 41.95 10.79 7.14
N PRO B 79 41.40 11.03 8.33
CA PRO B 79 41.24 12.42 8.81
C PRO B 79 42.53 13.20 8.85
N GLU B 80 43.62 12.57 9.29
CA GLU B 80 44.90 13.28 9.46
C GLU B 80 45.48 13.74 8.13
N ALA B 81 44.97 13.25 7.00
CA ALA B 81 45.34 13.73 5.69
C ALA B 81 44.42 14.85 5.20
N GLN B 82 43.62 15.43 6.10
CA GLN B 82 42.75 16.56 5.78
C GLN B 82 43.10 17.74 6.67
N ASN B 83 42.92 18.94 6.12
CA ASN B 83 43.21 20.19 6.81
C ASN B 83 41.87 20.84 7.18
N PHE B 84 41.28 20.38 8.29
CA PHE B 84 39.94 20.82 8.65
C PHE B 84 39.93 22.26 9.16
N ASP B 85 41.04 22.73 9.72
CA ASP B 85 41.15 24.14 10.12
C ASP B 85 40.89 25.05 8.94
N LEU B 86 41.66 24.86 7.87
CA LEU B 86 41.48 25.67 6.67
C LEU B 86 40.10 25.47 6.07
N MET B 87 39.64 24.21 6.01
CA MET B 87 38.31 23.95 5.45
C MET B 87 37.22 24.67 6.23
N TYR B 88 37.28 24.63 7.57
CA TYR B 88 36.36 25.39 8.40
C TYR B 88 36.43 26.87 8.05
N ASN B 89 37.60 27.47 8.27
CA ASN B 89 37.78 28.90 8.09
C ASN B 89 37.27 29.36 6.72
N GLN B 90 37.53 28.58 5.67
CA GLN B 90 37.18 29.01 4.32
C GLN B 90 35.69 28.87 4.07
N VAL B 91 35.06 27.81 4.58
CA VAL B 91 33.62 27.67 4.41
C VAL B 91 32.89 28.79 5.15
N LYS B 92 33.32 29.06 6.38
CA LYS B 92 32.78 30.19 7.14
C LYS B 92 32.91 31.49 6.37
N ALA B 93 34.10 31.74 5.82
CA ALA B 93 34.34 33.00 5.11
C ALA B 93 33.39 33.15 3.92
N LEU B 94 33.24 32.10 3.13
CA LEU B 94 32.31 32.16 1.99
C LEU B 94 30.87 32.38 2.47
N LYS B 95 30.51 31.85 3.64
CA LYS B 95 29.17 32.10 4.15
C LYS B 95 28.96 33.57 4.47
N GLU B 96 29.90 34.18 5.17
CA GLU B 96 29.86 35.62 5.47
C GLU B 96 30.24 36.49 4.28
N GLY B 97 29.87 36.10 3.04
CA GLY B 97 30.10 36.96 1.90
C GLY B 97 31.55 37.11 1.47
N LYS B 98 32.48 36.88 2.40
CA LYS B 98 33.89 37.05 2.09
C LYS B 98 34.33 36.05 1.03
N SER B 99 35.21 36.49 0.14
CA SER B 99 35.79 35.61 -0.85
C SER B 99 36.96 34.84 -0.23
N VAL B 100 37.52 33.91 -0.99
CA VAL B 100 38.47 32.94 -0.45
C VAL B 100 39.41 32.52 -1.57
N ASP B 101 40.69 32.34 -1.23
CA ASP B 101 41.68 31.78 -2.13
C ASP B 101 41.93 30.34 -1.70
N LYS B 102 41.50 29.38 -2.51
CA LYS B 102 41.42 28.00 -2.10
C LYS B 102 42.30 27.10 -2.96
N PRO B 103 43.12 26.24 -2.35
CA PRO B 103 43.99 25.35 -3.13
C PRO B 103 43.23 24.42 -4.06
N ILE B 104 43.99 23.69 -4.88
CA ILE B 104 43.45 22.73 -5.83
C ILE B 104 44.23 21.44 -5.67
N TYR B 105 43.55 20.34 -5.40
CA TYR B 105 44.18 19.03 -5.48
C TYR B 105 44.07 18.54 -6.91
N ASN B 106 45.21 18.39 -7.57
CA ASN B 106 45.27 17.95 -8.97
C ASN B 106 45.24 16.43 -9.00
N HIS B 107 44.06 15.86 -9.27
CA HIS B 107 43.93 14.40 -9.28
C HIS B 107 44.81 13.77 -10.35
N VAL B 108 45.09 14.50 -11.42
CA VAL B 108 45.92 13.96 -12.50
C VAL B 108 47.38 13.87 -12.06
N SER B 109 47.94 14.97 -11.57
CA SER B 109 49.34 14.98 -11.17
C SER B 109 49.54 14.40 -9.78
N GLY B 110 48.58 14.63 -8.88
CA GLY B 110 48.74 14.26 -7.50
C GLY B 110 49.35 15.33 -6.62
N LEU B 111 49.48 16.56 -7.13
CA LEU B 111 50.09 17.67 -6.40
C LEU B 111 49.03 18.67 -5.98
N ILE B 112 49.38 19.49 -4.99
CA ILE B 112 48.49 20.57 -4.53
C ILE B 112 48.91 21.83 -5.28
N ASP B 113 48.18 22.13 -6.35
CA ASP B 113 48.39 23.37 -7.09
C ASP B 113 48.01 24.57 -6.24
N ALA B 114 48.18 25.76 -6.79
CA ALA B 114 47.85 27.02 -6.17
C ALA B 114 46.40 27.39 -6.44
N PRO B 115 45.79 28.24 -5.60
CA PRO B 115 44.45 28.75 -5.88
C PRO B 115 44.44 29.51 -7.20
N GLU B 116 43.27 29.74 -7.82
CA GLU B 116 41.83 29.53 -7.47
C GLU B 116 41.24 30.33 -6.30
N LYS B 117 40.68 31.47 -6.66
CA LYS B 117 39.90 32.34 -5.78
C LYS B 117 38.42 32.06 -5.96
N ILE B 118 37.68 32.06 -4.85
CA ILE B 118 36.27 31.68 -4.84
C ILE B 118 35.46 32.84 -4.26
N GLU B 119 34.47 33.30 -5.03
CA GLU B 119 33.55 34.33 -4.56
C GLU B 119 32.37 33.68 -3.84
N SER B 120 31.85 34.37 -2.83
CA SER B 120 30.76 33.84 -2.02
C SER B 120 29.46 33.80 -2.81
N PRO B 121 28.83 32.65 -2.97
CA PRO B 121 27.73 32.51 -3.92
C PRO B 121 26.39 32.42 -3.22
N PRO B 122 25.27 32.43 -3.97
CA PRO B 122 23.96 32.24 -3.31
C PRO B 122 23.87 30.93 -2.55
N ILE B 123 24.17 29.79 -3.19
CA ILE B 123 24.27 28.51 -2.51
C ILE B 123 25.64 27.93 -2.78
N LEU B 124 26.34 27.55 -1.71
CA LEU B 124 27.62 26.86 -1.78
C LEU B 124 27.40 25.42 -1.36
N VAL B 125 27.80 24.48 -2.20
CA VAL B 125 27.73 23.07 -1.86
C VAL B 125 29.15 22.54 -1.74
N ILE B 126 29.43 21.87 -0.62
CA ILE B 126 30.71 21.20 -0.41
C ILE B 126 30.46 19.70 -0.47
N GLU B 127 31.25 19.01 -1.28
CA GLU B 127 31.04 17.62 -1.63
C GLU B 127 32.35 16.87 -1.50
N GLY B 128 32.30 15.70 -0.89
CA GLY B 128 33.51 14.91 -0.71
C GLY B 128 33.35 13.91 0.41
N LEU B 129 34.50 13.46 0.92
CA LEU B 129 34.54 12.40 1.91
C LEU B 129 34.29 12.91 3.33
N HIS B 130 34.62 14.16 3.63
CA HIS B 130 34.54 14.59 5.03
C HIS B 130 33.73 15.86 5.29
N PRO B 131 32.55 16.05 4.68
CA PRO B 131 31.80 17.28 5.00
C PRO B 131 31.27 17.33 6.42
N PHE B 132 30.93 16.19 7.03
CA PHE B 132 30.35 16.17 8.36
C PHE B 132 31.31 15.62 9.41
N TYR B 133 32.59 15.46 9.08
CA TYR B 133 33.50 14.85 10.04
C TYR B 133 33.94 15.83 11.12
N ASP B 134 34.07 17.12 10.79
CA ASP B 134 34.55 18.12 11.74
C ASP B 134 33.37 18.89 12.30
N LYS B 135 33.24 18.88 13.63
CA LYS B 135 32.06 19.46 14.27
C LYS B 135 31.92 20.95 13.97
N ARG B 136 33.04 21.67 13.82
CA ARG B 136 32.96 23.08 13.46
C ARG B 136 32.38 23.26 12.05
N VAL B 137 32.81 22.42 11.11
CA VAL B 137 32.35 22.54 9.74
C VAL B 137 30.92 22.03 9.60
N ALA B 138 30.56 20.98 10.34
CA ALA B 138 29.21 20.46 10.27
C ALA B 138 28.20 21.48 10.75
N GLU B 139 28.48 22.12 11.90
CA GLU B 139 27.62 23.17 12.40
C GLU B 139 27.51 24.34 11.42
N LEU B 140 28.39 24.41 10.43
CA LEU B 140 28.31 25.43 9.40
C LEU B 140 27.26 25.14 8.34
N LEU B 141 26.80 23.90 8.23
CA LEU B 141 25.98 23.47 7.11
C LEU B 141 24.50 23.55 7.42
N ASP B 142 23.72 24.11 6.48
CA ASP B 142 22.28 24.22 6.62
C ASP B 142 21.55 22.93 6.27
N PHE B 143 22.21 22.01 5.56
CA PHE B 143 21.55 20.79 5.12
C PHE B 143 22.62 19.75 4.78
N LYS B 144 22.51 18.56 5.37
CA LYS B 144 23.48 17.49 5.23
C LYS B 144 22.88 16.34 4.44
N ILE B 145 23.56 15.93 3.37
CA ILE B 145 23.11 14.86 2.49
C ILE B 145 24.21 13.81 2.39
N TYR B 146 23.82 12.53 2.49
CA TYR B 146 24.75 11.43 2.38
C TYR B 146 24.24 10.44 1.33
N LEU B 147 25.15 10.02 0.45
CA LEU B 147 24.84 9.01 -0.56
C LEU B 147 25.53 7.71 -0.15
N ASP B 148 24.74 6.72 0.22
CA ASP B 148 25.25 5.46 0.77
C ASP B 148 25.03 4.34 -0.24
N ILE B 149 26.11 3.89 -0.86
CA ILE B 149 26.09 2.71 -1.72
C ILE B 149 26.60 1.56 -0.89
N SER B 150 25.86 0.45 -0.87
CA SER B 150 26.34 -0.67 -0.09
C SER B 150 27.50 -1.34 -0.80
N ASP B 151 28.29 -2.08 -0.02
CA ASP B 151 29.53 -2.67 -0.54
C ASP B 151 29.26 -3.58 -1.73
N ASP B 152 28.16 -4.33 -1.69
CA ASP B 152 27.85 -5.26 -2.78
C ASP B 152 27.64 -4.53 -4.09
N ILE B 153 27.00 -3.35 -4.04
CA ILE B 153 26.73 -2.60 -5.27
C ILE B 153 27.97 -1.82 -5.69
N LYS B 154 28.59 -1.12 -4.74
CA LYS B 154 29.91 -0.51 -4.93
C LYS B 154 30.86 -1.45 -5.65
N PHE B 155 31.10 -2.61 -5.04
CA PHE B 155 32.13 -3.53 -5.49
C PHE B 155 31.68 -4.42 -6.63
N ALA B 156 30.43 -4.31 -7.07
CA ALA B 156 30.06 -4.82 -8.37
C ALA B 156 30.32 -3.78 -9.46
N TRP B 157 30.03 -2.52 -9.16
CA TRP B 157 30.18 -1.46 -10.16
C TRP B 157 31.64 -1.26 -10.55
N LYS B 158 32.56 -1.35 -9.60
CA LYS B 158 33.96 -1.15 -9.91
C LYS B 158 34.53 -2.30 -10.72
N ILE B 159 34.05 -3.52 -10.49
CA ILE B 159 34.39 -4.66 -11.33
C ILE B 159 33.53 -4.57 -12.60
N GLN B 160 33.73 -3.49 -13.36
CA GLN B 160 33.00 -3.16 -14.58
C GLN B 160 33.35 -1.74 -15.01
N ARG B 161 33.11 -0.76 -14.13
CA ARG B 161 33.59 0.59 -14.38
C ARG B 161 35.08 0.59 -14.61
N ASP B 162 35.79 -0.23 -13.85
CA ASP B 162 37.11 -0.60 -14.31
C ASP B 162 36.93 -1.32 -15.63
N MET B 163 36.55 -0.59 -16.67
CA MET B 163 36.94 -0.91 -18.05
C MET B 163 36.51 -2.33 -18.43
N ALA B 164 35.33 -2.73 -17.94
CA ALA B 164 34.80 -4.09 -18.10
C ALA B 164 35.73 -5.11 -17.45
N GLU B 165 36.24 -4.74 -16.27
CA GLU B 165 37.42 -5.36 -15.69
C GLU B 165 38.51 -5.59 -16.75
N ARG B 166 39.05 -4.51 -17.34
CA ARG B 166 40.26 -4.60 -18.15
C ARG B 166 41.52 -4.47 -17.32
N GLY B 167 41.40 -4.14 -16.04
CA GLY B 167 42.57 -4.12 -15.21
C GLY B 167 42.25 -4.00 -13.74
N HIS B 168 43.16 -4.49 -12.91
CA HIS B 168 44.42 -5.04 -13.40
C HIS B 168 44.30 -6.57 -13.56
N SER B 169 44.08 -7.01 -14.80
CA SER B 169 43.99 -8.42 -15.12
C SER B 169 42.76 -9.06 -14.48
N LEU B 170 42.95 -10.08 -13.63
CA LEU B 170 41.86 -10.99 -13.26
C LEU B 170 42.04 -11.45 -11.81
N GLU B 171 41.24 -10.92 -10.88
CA GLU B 171 40.40 -9.74 -11.06
C GLU B 171 41.26 -8.45 -11.13
N SER B 172 42.28 -8.29 -10.29
CA SER B 172 42.52 -9.04 -9.04
C SER B 172 42.40 -8.03 -7.91
N ILE B 173 41.70 -6.94 -8.23
CA ILE B 173 41.71 -5.72 -7.44
C ILE B 173 40.26 -5.19 -7.42
N LYS B 174 39.53 -5.38 -6.32
CA LYS B 174 39.54 -6.47 -5.31
C LYS B 174 40.48 -6.27 -4.12
N SER B 175 41.52 -5.46 -4.29
CA SER B 175 42.36 -5.06 -3.17
C SER B 175 42.74 -3.58 -3.23
N SER B 176 42.36 -2.88 -4.30
CA SER B 176 42.09 -1.46 -4.23
C SER B 176 40.89 -1.21 -3.32
N ILE B 177 40.04 -2.21 -3.19
CA ILE B 177 38.98 -2.17 -2.21
C ILE B 177 39.54 -2.35 -0.81
N ALA B 178 40.47 -3.29 -0.63
CA ALA B 178 41.02 -3.57 0.70
C ALA B 178 41.80 -2.39 1.25
N ALA B 179 42.38 -1.57 0.39
CA ALA B 179 43.17 -0.44 0.86
C ALA B 179 42.28 0.72 1.31
N ARG B 180 41.18 0.95 0.60
CA ARG B 180 40.29 2.05 0.93
C ARG B 180 39.25 1.67 1.96
N LYS B 181 38.84 0.40 1.98
CA LYS B 181 37.70 -0.01 2.81
C LYS B 181 37.85 0.27 4.29
N PRO B 182 38.96 -0.09 4.96
CA PRO B 182 38.99 0.07 6.42
C PRO B 182 38.88 1.51 6.86
N ASP B 183 39.55 2.43 6.14
CA ASP B 183 39.36 3.84 6.41
C ASP B 183 37.94 4.30 6.09
N PHE B 184 37.33 3.71 5.07
CA PHE B 184 35.98 4.09 4.70
C PHE B 184 34.99 3.74 5.81
N ASP B 185 35.10 2.53 6.36
CA ASP B 185 34.12 2.08 7.33
C ASP B 185 34.30 2.78 8.67
N ALA B 186 35.51 3.26 8.98
CA ALA B 186 35.75 3.93 10.25
C ALA B 186 35.48 5.43 10.19
N TYR B 187 35.76 6.08 9.06
CA TYR B 187 35.73 7.54 8.99
C TYR B 187 34.65 8.11 8.09
N ILE B 188 34.32 7.47 6.98
CA ILE B 188 33.36 8.02 6.02
C ILE B 188 31.94 7.53 6.33
N ASP B 189 31.80 6.22 6.54
CA ASP B 189 30.48 5.65 6.79
C ASP B 189 29.78 6.22 8.02
N PRO B 190 30.43 6.41 9.16
CA PRO B 190 29.70 6.96 10.33
C PRO B 190 29.11 8.33 10.11
N GLN B 191 29.50 9.04 9.04
CA GLN B 191 28.96 10.37 8.80
C GLN B 191 27.49 10.34 8.39
N LYS B 192 26.96 9.19 7.96
CA LYS B 192 25.56 9.16 7.54
C LYS B 192 24.59 9.15 8.71
N LYS B 193 25.10 9.08 9.94
CA LYS B 193 24.22 8.97 11.10
C LYS B 193 23.53 10.30 11.43
N ASP B 194 24.17 11.42 11.13
CA ASP B 194 23.59 12.73 11.38
C ASP B 194 23.22 13.46 10.10
N ALA B 195 23.18 12.77 8.97
CA ALA B 195 22.64 13.36 7.76
C ALA B 195 21.15 13.62 7.93
N ASP B 196 20.68 14.73 7.35
CA ASP B 196 19.25 15.01 7.36
C ASP B 196 18.53 14.12 6.35
N MET B 197 19.17 13.82 5.23
CA MET B 197 18.60 12.95 4.20
C MET B 197 19.67 12.00 3.70
N ILE B 198 19.30 10.73 3.55
CA ILE B 198 20.20 9.66 3.10
C ILE B 198 19.56 8.97 1.91
N ILE B 199 20.32 8.81 0.83
CA ILE B 199 19.93 7.94 -0.26
C ILE B 199 20.78 6.68 -0.18
N GLN B 200 20.13 5.54 0.03
CA GLN B 200 20.80 4.27 0.22
C GLN B 200 20.50 3.35 -0.95
N VAL B 201 21.55 2.81 -1.57
CA VAL B 201 21.42 1.93 -2.73
C VAL B 201 21.76 0.52 -2.30
N LEU B 202 20.79 -0.39 -2.45
CA LEU B 202 20.95 -1.77 -2.05
C LEU B 202 20.76 -2.70 -3.24
N PRO B 203 21.16 -3.97 -3.14
CA PRO B 203 20.78 -4.93 -4.19
C PRO B 203 19.27 -5.13 -4.22
N THR B 204 18.75 -5.33 -5.43
CA THR B 204 17.33 -5.58 -5.60
C THR B 204 16.91 -6.85 -4.87
N GLN B 205 15.64 -6.89 -4.51
CA GLN B 205 15.05 -8.11 -3.97
C GLN B 205 14.07 -8.75 -4.95
N LEU B 206 13.90 -8.17 -6.14
CA LEU B 206 12.94 -8.68 -7.11
C LEU B 206 13.53 -9.85 -7.90
N VAL B 207 14.79 -9.74 -8.29
CA VAL B 207 15.42 -10.71 -9.18
C VAL B 207 16.89 -10.88 -8.80
N PRO B 208 17.52 -11.96 -9.23
CA PRO B 208 18.97 -12.08 -9.04
C PRO B 208 19.73 -11.14 -9.96
N ASP B 209 20.75 -10.50 -9.41
CA ASP B 209 21.51 -9.50 -10.14
C ASP B 209 22.95 -9.50 -9.61
N ASP B 210 23.89 -9.96 -10.42
CA ASP B 210 25.31 -9.88 -10.10
C ASP B 210 25.96 -8.60 -10.61
N LYS B 211 25.21 -7.76 -11.32
CA LYS B 211 25.78 -6.61 -12.01
C LYS B 211 25.43 -5.28 -11.37
N GLY B 212 24.54 -5.24 -10.39
CA GLY B 212 24.07 -3.96 -9.89
C GLY B 212 23.28 -3.19 -10.92
N GLN B 213 22.67 -3.91 -11.88
CA GLN B 213 21.78 -3.27 -12.84
C GLN B 213 20.48 -2.86 -12.17
N TYR B 214 19.93 -3.72 -11.32
CA TYR B 214 18.65 -3.50 -10.67
C TYR B 214 18.89 -3.13 -9.21
N LEU B 215 18.26 -2.05 -8.76
CA LEU B 215 18.58 -1.44 -7.48
C LEU B 215 17.35 -1.32 -6.60
N ARG B 216 17.53 -1.59 -5.32
CA ARG B 216 16.60 -1.19 -4.27
C ARG B 216 17.13 0.11 -3.67
N VAL B 217 16.36 1.18 -3.79
CA VAL B 217 16.81 2.52 -3.41
C VAL B 217 15.94 3.02 -2.27
N ARG B 218 16.58 3.48 -1.19
CA ARG B 218 15.88 3.95 0.00
C ARG B 218 16.23 5.42 0.24
N LEU B 219 15.21 6.26 0.37
CA LEU B 219 15.36 7.64 0.79
C LEU B 219 14.96 7.73 2.25
N ILE B 220 15.94 7.91 3.12
CA ILE B 220 15.71 8.01 4.57
C ILE B 220 15.74 9.48 4.94
N MET B 221 14.74 9.92 5.71
CA MET B 221 14.55 11.34 5.96
C MET B 221 14.28 11.57 7.44
N LYS B 222 15.06 12.46 8.06
CA LYS B 222 14.89 12.76 9.47
C LYS B 222 13.59 13.50 9.71
N GLU B 223 12.87 13.09 10.74
CA GLU B 223 11.65 13.78 11.17
C GLU B 223 12.02 14.85 12.20
N GLY B 224 11.46 16.05 12.02
CA GLY B 224 11.55 17.06 13.06
C GLY B 224 12.49 18.22 12.79
N SER B 225 12.72 18.56 11.53
CA SER B 225 13.59 19.66 11.15
C SER B 225 12.78 20.82 10.63
N LYS B 226 13.11 22.03 11.11
CA LYS B 226 12.47 23.24 10.60
C LYS B 226 12.88 23.55 9.16
N MET B 227 13.90 22.89 8.64
CA MET B 227 14.43 23.19 7.32
C MET B 227 13.72 22.44 6.20
N PHE B 228 13.12 21.29 6.50
CA PHE B 228 12.48 20.50 5.46
C PHE B 228 11.46 19.56 6.10
N ASP B 229 10.58 19.03 5.25
CA ASP B 229 9.60 18.05 5.68
C ASP B 229 9.70 16.80 4.80
N PRO B 230 9.50 15.61 5.37
CA PRO B 230 9.65 14.39 4.59
C PRO B 230 8.55 14.21 3.55
N VAL B 231 8.91 13.61 2.42
CA VAL B 231 7.93 13.19 1.44
C VAL B 231 7.20 11.94 1.95
N TYR B 232 5.96 11.75 1.51
CA TYR B 232 5.19 10.57 1.90
C TYR B 232 4.21 10.19 0.80
N LEU B 233 3.49 9.09 1.06
CA LEU B 233 2.35 8.58 0.30
C LEU B 233 1.75 7.44 1.11
N PHE B 234 0.46 7.16 0.94
CA PHE B 234 -0.57 8.09 0.49
C PHE B 234 -1.17 8.68 1.76
N ASP B 235 -0.41 8.58 2.85
CA ASP B 235 -0.92 8.79 4.21
C ASP B 235 0.26 8.84 5.17
N GLU B 236 0.60 10.04 5.65
CA GLU B 236 1.81 10.22 6.44
C GLU B 236 1.73 9.44 7.75
N GLY B 237 2.84 8.81 8.11
CA GLY B 237 2.92 8.06 9.35
C GLY B 237 2.50 6.61 9.23
N SER B 238 1.88 6.21 8.13
CA SER B 238 1.46 4.84 7.94
C SER B 238 2.56 4.01 7.30
N THR B 239 2.34 2.70 7.28
CA THR B 239 3.24 1.75 6.64
C THR B 239 2.54 1.20 5.40
N ILE B 240 3.13 1.40 4.23
CA ILE B 240 2.52 1.02 2.96
C ILE B 240 3.54 0.26 2.11
N SER B 241 3.07 -0.79 1.46
CA SER B 241 3.72 -1.39 0.29
C SER B 241 2.85 -1.10 -0.92
N TRP B 242 3.47 -0.83 -2.07
CA TRP B 242 2.72 -0.40 -3.24
C TRP B 242 3.37 -0.90 -4.51
N ILE B 243 2.68 -1.81 -5.21
CA ILE B 243 3.04 -2.21 -6.56
C ILE B 243 2.17 -1.42 -7.52
N PRO B 244 2.72 -0.50 -8.31
CA PRO B 244 1.88 0.31 -9.21
C PRO B 244 1.35 -0.46 -10.41
N CYS B 245 2.01 -1.56 -10.79
CA CYS B 245 1.71 -2.38 -11.97
C CYS B 245 0.21 -2.63 -12.15
N GLY B 246 -0.25 -2.80 -13.39
CA GLY B 246 0.59 -2.82 -14.58
C GLY B 246 0.16 -1.82 -15.63
N ARG B 247 -1.10 -1.41 -15.60
CA ARG B 247 -1.50 -0.22 -16.33
C ARG B 247 -0.89 1.00 -15.65
N LYS B 248 -1.16 2.19 -16.17
CA LYS B 248 -0.67 3.45 -15.59
C LYS B 248 0.81 3.67 -15.84
N LEU B 249 1.69 2.71 -15.50
CA LEU B 249 3.11 2.75 -15.89
C LEU B 249 3.54 1.38 -16.39
N THR B 250 4.28 1.37 -17.48
CA THR B 250 4.82 0.11 -18.00
C THR B 250 5.99 -0.35 -17.14
N CYS B 251 5.91 -1.58 -16.68
CA CYS B 251 7.00 -2.23 -15.97
C CYS B 251 7.29 -3.55 -16.66
N SER B 252 8.54 -3.76 -17.07
CA SER B 252 8.85 -4.92 -17.87
C SER B 252 9.21 -6.12 -17.00
N PHE B 253 10.44 -6.63 -17.13
CA PHE B 253 10.75 -7.91 -16.49
C PHE B 253 10.82 -7.75 -14.98
N PRO B 254 11.80 -7.05 -14.39
CA PRO B 254 11.68 -6.83 -12.94
C PRO B 254 10.67 -5.72 -12.71
N GLY B 255 9.65 -6.01 -11.92
CA GLY B 255 8.58 -5.05 -11.71
C GLY B 255 8.99 -3.83 -10.90
N ILE B 256 8.02 -3.10 -10.37
CA ILE B 256 8.27 -1.97 -9.48
C ILE B 256 7.55 -2.26 -8.16
N LYS B 257 8.21 -1.95 -7.05
CA LYS B 257 7.58 -2.05 -5.73
C LYS B 257 8.03 -0.89 -4.87
N MET B 258 7.09 -0.06 -4.46
CA MET B 258 7.34 1.01 -3.51
C MET B 258 7.05 0.55 -2.09
N PHE B 259 7.80 1.09 -1.14
CA PHE B 259 7.51 0.96 0.28
C PHE B 259 7.55 2.34 0.90
N TYR B 260 6.78 2.53 1.96
CA TYR B 260 6.81 3.76 2.72
C TYR B 260 6.45 3.49 4.16
N GLY B 261 7.14 4.16 5.08
CA GLY B 261 6.75 4.08 6.46
C GLY B 261 7.82 4.54 7.43
N PRO B 262 7.42 4.64 8.70
CA PRO B 262 8.37 5.00 9.75
C PRO B 262 9.42 3.91 9.95
N ASP B 263 10.61 4.36 10.32
CA ASP B 263 11.71 3.47 10.68
C ASP B 263 12.60 4.23 11.66
N THR B 264 13.69 3.59 12.08
CA THR B 264 14.65 4.18 13.00
C THR B 264 16.04 4.05 12.42
N TRP B 265 16.83 5.11 12.54
CA TRP B 265 18.13 5.23 11.88
C TRP B 265 19.13 5.67 12.94
N TYR B 266 19.88 4.70 13.44
CA TYR B 266 20.86 4.90 14.51
C TYR B 266 20.23 5.66 15.68
N GLY B 267 19.09 5.13 16.13
CA GLY B 267 18.36 5.67 17.26
C GLY B 267 17.47 6.85 16.93
N GLN B 268 17.47 7.33 15.70
CA GLN B 268 16.80 8.57 15.33
C GLN B 268 15.55 8.28 14.51
N GLU B 269 14.56 9.15 14.67
CA GLU B 269 13.24 8.96 14.08
C GLU B 269 13.26 9.39 12.62
N VAL B 270 12.99 8.45 11.71
CA VAL B 270 13.02 8.71 10.27
C VAL B 270 11.80 8.10 9.62
N SER B 271 11.37 8.71 8.50
CA SER B 271 10.44 8.12 7.57
C SER B 271 11.21 7.68 6.34
N VAL B 272 10.86 6.52 5.78
CA VAL B 272 11.61 5.91 4.69
C VAL B 272 10.70 5.79 3.48
N LEU B 273 11.18 6.27 2.33
CA LEU B 273 10.55 6.03 1.04
C LEU B 273 11.51 5.19 0.22
N GLU B 274 11.00 4.10 -0.35
CA GLU B 274 11.85 3.08 -0.94
C GLU B 274 11.29 2.66 -2.31
N MET B 275 12.20 2.39 -3.25
CA MET B 275 11.83 1.87 -4.55
C MET B 275 12.73 0.71 -4.94
N ASP B 276 12.12 -0.34 -5.47
CA ASP B 276 12.83 -1.49 -6.03
C ASP B 276 12.35 -1.69 -7.47
N GLY B 277 13.29 -1.80 -8.40
CA GLY B 277 12.90 -2.02 -9.78
C GLY B 277 13.28 -0.91 -10.74
N GLN B 278 12.55 -0.82 -11.85
CA GLN B 278 13.02 -0.04 -13.00
C GLN B 278 11.84 0.34 -13.90
N PHE B 279 11.61 1.63 -14.10
CA PHE B 279 10.63 2.04 -15.08
C PHE B 279 11.15 1.79 -16.49
N ASP B 280 10.22 1.60 -17.43
CA ASP B 280 10.57 1.39 -18.83
C ASP B 280 10.02 2.44 -19.79
N LYS B 281 9.02 3.24 -19.38
CA LYS B 281 8.54 4.38 -20.16
C LYS B 281 8.54 5.62 -19.29
N LEU B 282 9.47 6.55 -19.58
CA LEU B 282 9.74 7.67 -18.70
C LEU B 282 8.88 8.89 -19.02
N GLU B 283 7.59 8.65 -19.22
CA GLU B 283 6.61 9.51 -18.61
C GLU B 283 6.10 8.75 -17.38
N GLU B 284 4.81 8.86 -17.09
CA GLU B 284 4.11 7.99 -16.12
C GLU B 284 4.71 7.98 -14.71
N LEU B 285 5.88 8.57 -14.49
CA LEU B 285 6.30 8.77 -13.11
C LEU B 285 5.48 9.86 -12.45
N ILE B 286 4.83 10.70 -13.26
CA ILE B 286 3.77 11.57 -12.79
C ILE B 286 2.67 10.77 -12.11
N TYR B 287 2.40 9.56 -12.61
CA TYR B 287 1.55 8.62 -11.89
C TYR B 287 2.08 8.43 -10.47
N VAL B 288 3.32 7.93 -10.36
CA VAL B 288 4.00 7.89 -9.06
C VAL B 288 3.96 9.25 -8.39
N GLU B 289 4.38 10.29 -9.12
CA GLU B 289 4.50 11.63 -8.54
C GLU B 289 3.19 12.14 -7.99
N SER B 290 2.08 11.90 -8.70
CA SER B 290 0.79 12.39 -8.25
C SER B 290 0.37 11.78 -6.93
N HIS B 291 0.86 10.56 -6.65
CA HIS B 291 0.57 9.91 -5.37
C HIS B 291 1.58 10.27 -4.29
N LEU B 292 2.76 10.72 -4.68
CA LEU B 292 3.70 11.29 -3.72
C LEU B 292 3.21 12.65 -3.27
N SER B 293 3.37 12.93 -1.98
CA SER B 293 2.96 14.19 -1.38
C SER B 293 4.12 14.77 -0.59
N ASN B 294 4.09 16.09 -0.41
CA ASN B 294 5.15 16.83 0.29
C ASN B 294 6.47 16.80 -0.48
N THR B 295 6.40 16.63 -1.80
CA THR B 295 7.62 16.53 -2.61
C THR B 295 8.37 17.85 -2.72
N SER B 296 7.81 18.95 -2.23
CA SER B 296 8.36 20.30 -2.38
C SER B 296 8.50 20.71 -3.84
N ALA B 297 7.73 20.07 -4.72
CA ALA B 297 7.64 20.55 -6.09
C ALA B 297 6.79 21.82 -6.13
N LYS B 298 7.14 22.72 -7.04
CA LYS B 298 6.43 23.99 -7.14
C LYS B 298 5.25 23.93 -8.12
N PHE B 299 5.30 23.04 -9.10
CA PHE B 299 4.19 22.85 -10.02
C PHE B 299 4.00 21.35 -10.25
N TYR B 300 3.03 21.01 -11.10
CA TYR B 300 2.43 19.68 -11.07
C TYR B 300 3.42 18.58 -11.43
N GLY B 301 3.97 18.64 -12.64
CA GLY B 301 4.84 17.58 -13.10
C GLY B 301 6.32 17.90 -12.98
N GLU B 302 6.70 18.65 -11.95
CA GLU B 302 8.07 19.16 -11.87
C GLU B 302 9.08 18.03 -11.78
N ILE B 303 8.82 17.03 -10.93
CA ILE B 303 9.71 15.87 -10.84
C ILE B 303 9.84 15.22 -12.21
N THR B 304 8.71 14.93 -12.86
CA THR B 304 8.74 14.39 -14.20
C THR B 304 9.42 15.34 -15.17
N GLN B 305 9.23 16.65 -15.00
CA GLN B 305 9.85 17.61 -15.91
C GLN B 305 11.36 17.64 -15.74
N GLN B 306 11.84 17.71 -14.50
CA GLN B 306 13.27 17.69 -14.26
C GLN B 306 13.89 16.38 -14.73
N MET B 307 13.28 15.25 -14.38
CA MET B 307 13.78 13.96 -14.83
C MET B 307 13.72 13.85 -16.36
N LEU B 308 12.68 14.42 -16.97
CA LEU B 308 12.67 14.57 -18.43
C LEU B 308 13.84 15.44 -18.88
N LYS B 309 13.99 16.62 -18.25
CA LYS B 309 15.05 17.57 -18.57
C LYS B 309 16.44 16.95 -18.48
N ASN B 310 16.60 15.86 -17.72
CA ASN B 310 17.90 15.23 -17.48
C ASN B 310 17.88 13.77 -17.93
N SER B 311 17.24 13.49 -19.07
CA SER B 311 16.84 12.13 -19.41
C SER B 311 18.03 11.20 -19.55
N GLY B 312 19.07 11.63 -20.26
CA GLY B 312 20.23 10.80 -20.50
C GLY B 312 21.08 10.49 -19.29
N PHE B 313 20.75 11.05 -18.12
CA PHE B 313 21.53 10.80 -16.92
C PHE B 313 21.50 9.33 -16.56
N PRO B 314 22.52 8.83 -15.87
CA PRO B 314 22.42 7.49 -15.27
C PRO B 314 21.40 7.48 -14.15
N GLY B 315 20.88 6.30 -13.86
CA GLY B 315 19.88 6.15 -12.83
C GLY B 315 18.59 6.89 -13.10
N SER B 316 18.31 7.21 -14.37
CA SER B 316 17.08 7.90 -14.73
C SER B 316 15.87 6.96 -14.79
N ASN B 317 16.10 5.66 -14.76
CA ASN B 317 15.03 4.67 -14.89
C ASN B 317 14.78 3.88 -13.62
N ASN B 318 15.42 4.26 -12.51
CA ASN B 318 15.18 3.58 -11.24
C ASN B 318 15.14 4.64 -10.14
N GLY B 319 15.13 4.16 -8.89
CA GLY B 319 14.91 5.03 -7.74
C GLY B 319 15.99 6.06 -7.50
N THR B 320 17.18 5.85 -8.06
CA THR B 320 18.28 6.79 -7.84
C THR B 320 17.93 8.18 -8.35
N GLY B 321 17.67 8.29 -9.66
CA GLY B 321 17.33 9.58 -10.23
C GLY B 321 16.13 10.23 -9.58
N LEU B 322 15.08 9.44 -9.32
CA LEU B 322 13.85 10.00 -8.76
C LEU B 322 14.09 10.59 -7.38
N PHE B 323 14.69 9.82 -6.48
CA PHE B 323 14.91 10.31 -5.13
C PHE B 323 15.98 11.39 -5.09
N GLN B 324 16.91 11.39 -6.04
CA GLN B 324 17.86 12.49 -6.13
C GLN B 324 17.16 13.76 -6.63
N THR B 325 16.18 13.62 -7.52
CA THR B 325 15.41 14.78 -7.94
C THR B 325 14.63 15.37 -6.79
N ILE B 326 13.94 14.51 -6.03
CA ILE B 326 13.15 14.98 -4.90
C ILE B 326 14.03 15.71 -3.89
N VAL B 327 15.21 15.15 -3.61
CA VAL B 327 16.10 15.77 -2.63
C VAL B 327 16.65 17.07 -3.16
N GLY B 328 16.77 17.21 -4.49
CA GLY B 328 17.14 18.50 -5.05
C GLY B 328 16.11 19.57 -4.76
N LEU B 329 14.83 19.21 -4.92
CA LEU B 329 13.76 20.15 -4.60
C LEU B 329 13.75 20.53 -3.13
N LYS B 330 14.12 19.60 -2.25
CA LYS B 330 14.22 19.93 -0.83
C LYS B 330 15.37 20.90 -0.57
N VAL B 331 16.42 20.86 -1.38
CA VAL B 331 17.52 21.80 -1.24
C VAL B 331 17.05 23.21 -1.56
N ARG B 332 16.29 23.38 -2.65
CA ARG B 332 15.72 24.68 -2.95
C ARG B 332 14.80 25.16 -1.84
N GLU B 333 14.01 24.23 -1.27
CA GLU B 333 13.14 24.57 -0.16
C GLU B 333 13.93 25.14 1.02
N VAL B 334 15.06 24.51 1.34
CA VAL B 334 15.88 24.97 2.45
C VAL B 334 16.41 26.37 2.18
N TYR B 335 16.79 26.65 0.94
CA TYR B 335 17.29 27.98 0.59
C TYR B 335 16.17 29.01 0.70
N GLU B 336 15.02 28.75 0.07
CA GLU B 336 13.91 29.70 0.11
C GLU B 336 13.41 29.92 1.54
N ARG B 337 13.38 28.87 2.36
CA ARG B 337 12.98 28.99 3.76
C ARG B 337 13.90 29.90 4.56
N ILE B 338 15.10 30.17 4.05
CA ILE B 338 16.16 30.79 4.82
C ILE B 338 16.43 32.23 4.38
N VAL B 339 16.18 32.57 3.12
CA VAL B 339 16.55 33.87 2.58
C VAL B 339 15.37 34.84 2.54
N LYS B 340 14.28 34.51 3.21
CA LYS B 340 13.11 35.37 3.26
C LYS B 340 12.20 35.00 4.42
#